data_6OFJ
#
_entry.id   6OFJ
#
_cell.length_a   1.0
_cell.length_b   1.0
_cell.length_c   1.0
_cell.angle_alpha   90.00
_cell.angle_beta   90.00
_cell.angle_gamma   90.00
#
_symmetry.space_group_name_H-M   'P 1'
#
_entity_poly.entity_id   1
_entity_poly.type   'polypeptide(L)'
_entity_poly.pdbx_seq_one_letter_code
;MNGTEGPNFYVPFSNKTGVVRSPFEAPQYYLAEPWQFSMLAAYMFLLIMLGFPINFLTLYVTVQHKKLRTPLNYILLNLA
VADLFMVFGGFTTTLYTSLHGYFVFGPTGCNLEGFFATLGGEIALWSLVVLAIERYVVVCKPMSNFRFGENHAIMGVAFT
WVMALACAAPPLVGWSRYIPEGMQCSCGIDYYTPHEETNNESFVIYMFVVHFIIPLIVIFFCYGQLVFTVKEAAAQQQES
ATTQKAEKEVTRMVIIMVIAFLICWLPYAGVAFYIFTHQGSDFGPIFMTIPAFFAKTSAVYNPVIYIMMNKQFRNCMVTT
LCCGKNPLGDDEASTTVSKTETSQVAPA
;
_entity_poly.pdbx_strand_id   A,B
#
# COMPACT_ATOMS: atom_id res chain seq x y z
N MET A 1 -27.89 -11.84 29.72
CA MET A 1 -26.64 -11.38 30.32
C MET A 1 -26.05 -10.26 29.47
N ASN A 2 -24.90 -9.75 29.90
CA ASN A 2 -24.28 -8.56 29.31
C ASN A 2 -23.24 -8.90 28.26
N GLY A 3 -23.45 -9.99 27.52
CA GLY A 3 -22.51 -10.43 26.51
C GLY A 3 -22.70 -11.90 26.19
N THR A 4 -21.61 -12.61 25.93
CA THR A 4 -21.68 -14.01 25.57
C THR A 4 -20.33 -14.65 25.86
N GLU A 5 -20.37 -15.85 26.45
CA GLU A 5 -19.20 -16.51 27.02
C GLU A 5 -18.89 -17.80 26.28
N GLY A 6 -17.61 -18.16 26.26
CA GLY A 6 -17.16 -19.40 25.68
C GLY A 6 -15.87 -19.89 26.30
N PRO A 7 -15.41 -21.08 25.90
CA PRO A 7 -14.14 -21.59 26.45
C PRO A 7 -12.91 -20.98 25.81
N ASN A 8 -13.03 -20.47 24.57
CA ASN A 8 -11.94 -19.79 23.90
C ASN A 8 -12.41 -18.56 23.13
N PHE A 9 -13.61 -18.06 23.39
CA PHE A 9 -14.11 -16.86 22.73
C PHE A 9 -15.16 -16.21 23.60
N TYR A 10 -15.33 -14.90 23.40
CA TYR A 10 -16.32 -14.09 24.10
C TYR A 10 -16.91 -13.16 23.07
N VAL A 11 -18.07 -13.53 22.53
CA VAL A 11 -18.75 -12.64 21.60
C VAL A 11 -19.30 -11.44 22.37
N PRO A 12 -19.06 -10.18 21.94
CA PRO A 12 -19.60 -9.05 22.71
C PRO A 12 -21.05 -8.73 22.32
N PHE A 13 -21.92 -9.72 22.48
CA PHE A 13 -23.30 -9.61 22.05
C PHE A 13 -24.10 -10.72 22.73
N SER A 14 -25.35 -10.42 23.07
CA SER A 14 -26.15 -11.36 23.85
C SER A 14 -26.51 -12.59 23.03
N ASN A 15 -26.21 -13.77 23.60
CA ASN A 15 -26.66 -15.04 23.03
C ASN A 15 -28.11 -15.37 23.37
N LYS A 16 -28.83 -14.45 24.04
CA LYS A 16 -30.28 -14.60 24.17
C LYS A 16 -30.96 -14.53 22.81
N THR A 17 -30.32 -13.88 21.83
CA THR A 17 -30.80 -13.92 20.46
C THR A 17 -30.88 -15.35 19.93
N GLY A 18 -29.98 -16.23 20.38
CA GLY A 18 -29.99 -17.61 19.92
C GLY A 18 -29.39 -17.79 18.55
N VAL A 19 -28.30 -17.07 18.27
CA VAL A 19 -27.64 -17.11 16.96
C VAL A 19 -26.15 -17.39 17.06
N VAL A 20 -25.52 -17.23 18.22
CA VAL A 20 -24.09 -17.42 18.33
C VAL A 20 -23.76 -18.90 18.14
N ARG A 21 -22.95 -19.18 17.11
CA ARG A 21 -22.44 -20.52 16.82
C ARG A 21 -20.92 -20.41 16.71
N SER A 22 -20.27 -21.52 16.34
CA SER A 22 -18.81 -21.69 16.37
C SER A 22 -18.08 -20.54 15.66
N PRO A 23 -17.37 -19.63 16.38
CA PRO A 23 -16.77 -18.48 15.68
C PRO A 23 -15.45 -18.82 15.01
N PHE A 24 -14.67 -19.71 15.60
CA PHE A 24 -13.39 -20.10 15.01
C PHE A 24 -13.54 -21.00 13.79
N GLU A 25 -14.75 -21.46 13.49
CA GLU A 25 -15.05 -22.23 12.28
C GLU A 25 -15.92 -21.48 11.29
N ALA A 26 -16.91 -20.70 11.79
CA ALA A 26 -17.84 -19.95 10.95
C ALA A 26 -17.40 -18.48 10.85
N PRO A 27 -17.70 -17.77 9.77
CA PRO A 27 -17.52 -16.31 9.80
C PRO A 27 -18.50 -15.68 10.77
N GLN A 28 -18.31 -14.38 10.99
CA GLN A 28 -19.02 -13.63 12.02
C GLN A 28 -19.61 -12.36 11.44
N TYR A 29 -20.32 -12.50 10.32
CA TYR A 29 -21.02 -11.37 9.72
C TYR A 29 -22.28 -11.00 10.49
N TYR A 30 -22.75 -11.84 11.41
CA TYR A 30 -23.95 -11.57 12.19
C TYR A 30 -23.66 -10.81 13.48
N LEU A 31 -22.38 -10.64 13.84
CA LEU A 31 -22.02 -9.70 14.91
C LEU A 31 -21.89 -8.28 14.37
N ALA A 32 -21.33 -8.14 13.17
CA ALA A 32 -21.17 -6.85 12.52
C ALA A 32 -21.24 -7.07 11.02
N GLU A 33 -21.74 -6.06 10.31
CA GLU A 33 -21.95 -6.22 8.88
C GLU A 33 -20.60 -6.31 8.17
N PRO A 34 -20.52 -6.97 7.00
CA PRO A 34 -19.22 -7.21 6.39
C PRO A 34 -18.53 -5.98 5.81
N TRP A 35 -19.16 -4.81 5.81
CA TRP A 35 -18.52 -3.66 5.16
C TRP A 35 -17.33 -3.17 5.97
N GLN A 36 -17.49 -2.99 7.28
CA GLN A 36 -16.37 -2.62 8.13
C GLN A 36 -15.41 -3.79 8.31
N PHE A 37 -15.89 -5.03 8.16
CA PHE A 37 -15.02 -6.20 8.14
C PHE A 37 -14.00 -6.11 7.00
N SER A 38 -14.48 -5.93 5.77
CA SER A 38 -13.58 -5.78 4.64
C SER A 38 -12.76 -4.50 4.77
N MET A 39 -13.32 -3.45 5.40
CA MET A 39 -12.55 -2.25 5.68
C MET A 39 -11.34 -2.57 6.54
N LEU A 40 -11.55 -3.38 7.59
CA LEU A 40 -10.44 -3.75 8.47
C LEU A 40 -9.40 -4.59 7.73
N ALA A 41 -9.86 -5.48 6.84
CA ALA A 41 -8.92 -6.28 6.06
C ALA A 41 -8.04 -5.39 5.18
N ALA A 42 -8.67 -4.46 4.47
CA ALA A 42 -7.91 -3.53 3.63
C ALA A 42 -6.99 -2.66 4.48
N TYR A 43 -7.47 -2.24 5.66
CA TYR A 43 -6.66 -1.45 6.59
C TYR A 43 -5.49 -2.25 7.17
N MET A 44 -5.54 -3.58 7.11
CA MET A 44 -4.40 -4.39 7.53
C MET A 44 -3.37 -4.49 6.40
N PHE A 45 -3.84 -4.75 5.18
CA PHE A 45 -2.89 -4.85 4.06
C PHE A 45 -2.21 -3.50 3.80
N LEU A 46 -2.93 -2.41 4.11
CA LEU A 46 -2.35 -1.06 4.20
C LEU A 46 -1.01 -1.06 4.93
N LEU A 47 -1.03 -1.49 6.19
CA LEU A 47 0.20 -1.46 6.99
C LEU A 47 1.19 -2.52 6.54
N ILE A 48 0.72 -3.64 5.99
CA ILE A 48 1.63 -4.68 5.51
C ILE A 48 2.53 -4.12 4.41
N MET A 49 1.92 -3.55 3.36
CA MET A 49 2.72 -2.97 2.29
C MET A 49 3.53 -1.78 2.81
N LEU A 50 2.92 -0.90 3.60
CA LEU A 50 3.67 0.28 4.04
C LEU A 50 4.82 -0.08 4.97
N GLY A 51 4.83 -1.28 5.54
CA GLY A 51 5.96 -1.77 6.30
C GLY A 51 7.07 -2.37 5.47
N PHE A 52 6.74 -3.36 4.61
CA PHE A 52 7.75 -4.29 4.10
C PHE A 52 8.94 -3.63 3.39
N PRO A 53 8.76 -2.88 2.30
CA PRO A 53 9.95 -2.49 1.51
C PRO A 53 10.79 -1.43 2.18
N ILE A 54 10.19 -0.47 2.88
CA ILE A 54 10.98 0.52 3.61
C ILE A 54 11.79 -0.17 4.70
N ASN A 55 11.24 -1.24 5.29
CA ASN A 55 11.94 -2.00 6.30
C ASN A 55 13.18 -2.67 5.71
N PHE A 56 13.01 -3.37 4.58
CA PHE A 56 14.15 -4.03 3.94
C PHE A 56 15.20 -3.00 3.49
N LEU A 57 14.73 -1.84 3.01
CA LEU A 57 15.65 -0.80 2.57
C LEU A 57 16.48 -0.28 3.73
N THR A 58 15.83 0.01 4.86
CA THR A 58 16.56 0.55 6.02
C THR A 58 17.53 -0.49 6.56
N LEU A 59 17.14 -1.78 6.54
CA LEU A 59 18.05 -2.85 6.91
C LEU A 59 19.31 -2.82 6.06
N TYR A 60 19.14 -2.84 4.74
CA TYR A 60 20.32 -2.90 3.87
C TYR A 60 21.15 -1.62 3.95
N VAL A 61 20.49 -0.48 4.19
CA VAL A 61 21.22 0.78 4.34
C VAL A 61 22.16 0.69 5.53
N THR A 62 21.62 0.38 6.72
CA THR A 62 22.47 0.30 7.89
C THR A 62 23.45 -0.86 7.81
N VAL A 63 23.16 -1.89 7.01
CA VAL A 63 24.12 -2.96 6.80
C VAL A 63 25.31 -2.44 6.01
N GLN A 64 25.07 -1.62 4.99
CA GLN A 64 26.17 -1.14 4.17
C GLN A 64 26.97 -0.03 4.86
N HIS A 65 26.30 0.83 5.63
CA HIS A 65 26.91 2.08 6.08
C HIS A 65 27.69 1.83 7.37
N LYS A 66 29.01 1.73 7.24
CA LYS A 66 29.94 1.69 8.37
C LYS A 66 30.50 3.09 8.63
N LYS A 67 29.60 4.03 8.81
CA LYS A 67 29.90 5.42 9.14
C LYS A 67 29.17 5.88 10.39
N LEU A 68 27.97 5.37 10.65
CA LEU A 68 27.14 5.74 11.79
C LEU A 68 27.03 4.53 12.71
N ARG A 69 27.89 4.52 13.73
CA ARG A 69 27.81 3.58 14.83
C ARG A 69 27.44 4.28 16.14
N THR A 70 26.82 5.46 16.05
CA THR A 70 26.12 5.99 17.21
C THR A 70 24.98 5.03 17.54
N PRO A 71 24.75 4.70 18.82
CA PRO A 71 23.84 3.58 19.13
C PRO A 71 22.40 3.70 18.63
N LEU A 72 21.89 4.90 18.35
CA LEU A 72 20.52 5.00 17.85
C LEU A 72 20.36 4.25 16.52
N ASN A 73 21.44 4.19 15.73
CA ASN A 73 21.45 3.35 14.55
C ASN A 73 21.20 1.90 14.91
N TYR A 74 21.91 1.40 15.92
CA TYR A 74 21.70 0.02 16.39
C TYR A 74 20.27 -0.17 16.89
N ILE A 75 19.73 0.83 17.58
CA ILE A 75 18.40 0.70 18.17
C ILE A 75 17.35 0.55 17.09
N LEU A 76 17.35 1.46 16.11
CA LEU A 76 16.36 1.38 15.03
C LEU A 76 16.74 0.35 13.97
N LEU A 77 17.91 -0.28 14.07
CA LEU A 77 18.19 -1.47 13.27
C LEU A 77 17.53 -2.71 13.87
N ASN A 78 17.70 -2.91 15.18
CA ASN A 78 17.11 -4.09 15.80
C ASN A 78 15.62 -3.93 16.07
N LEU A 79 15.12 -2.69 16.18
CA LEU A 79 13.68 -2.49 16.10
C LEU A 79 13.16 -2.92 14.74
N ALA A 80 13.89 -2.60 13.68
CA ALA A 80 13.49 -3.04 12.35
C ALA A 80 13.56 -4.56 12.24
N VAL A 81 14.51 -5.19 12.93
CA VAL A 81 14.58 -6.66 12.96
C VAL A 81 13.32 -7.23 13.58
N ALA A 82 12.96 -6.72 14.77
CA ALA A 82 11.73 -7.16 15.43
C ALA A 82 10.51 -6.90 14.56
N ASP A 83 10.54 -5.83 13.77
CA ASP A 83 9.41 -5.54 12.89
C ASP A 83 9.37 -6.47 11.68
N LEU A 84 10.53 -6.96 11.22
CA LEU A 84 10.53 -8.02 10.21
C LEU A 84 9.85 -9.26 10.75
N PHE A 85 10.23 -9.67 11.97
CA PHE A 85 9.59 -10.83 12.58
C PHE A 85 8.09 -10.59 12.77
N MET A 86 7.72 -9.35 13.09
CA MET A 86 6.32 -8.98 13.26
C MET A 86 5.55 -9.15 11.95
N VAL A 87 6.02 -8.51 10.88
CA VAL A 87 5.28 -8.53 9.64
C VAL A 87 5.27 -9.92 9.01
N PHE A 88 6.25 -10.76 9.32
CA PHE A 88 6.18 -12.14 8.84
C PHE A 88 5.17 -12.94 9.65
N GLY A 89 5.40 -13.09 10.96
CA GLY A 89 4.57 -13.89 11.82
C GLY A 89 3.35 -13.21 12.40
N GLY A 90 3.00 -12.02 11.92
CA GLY A 90 1.91 -11.23 12.47
C GLY A 90 0.72 -11.08 11.54
N PHE A 91 0.67 -9.95 10.82
CA PHE A 91 -0.53 -9.52 10.11
C PHE A 91 -1.01 -10.51 9.04
N THR A 92 -0.18 -11.46 8.61
CA THR A 92 -0.63 -12.37 7.55
C THR A 92 -1.76 -13.28 8.03
N THR A 93 -1.68 -13.82 9.25
CA THR A 93 -2.77 -14.66 9.73
C THR A 93 -3.98 -13.82 10.09
N THR A 94 -3.78 -12.58 10.53
CA THR A 94 -4.90 -11.68 10.76
C THR A 94 -5.62 -11.36 9.44
N LEU A 95 -4.86 -11.19 8.36
CA LEU A 95 -5.48 -10.94 7.07
C LEU A 95 -6.17 -12.19 6.54
N TYR A 96 -5.64 -13.38 6.84
CA TYR A 96 -6.37 -14.60 6.48
C TYR A 96 -7.65 -14.74 7.28
N THR A 97 -7.61 -14.35 8.56
CA THR A 97 -8.82 -14.35 9.37
C THR A 97 -9.86 -13.37 8.81
N SER A 98 -9.41 -12.18 8.41
CA SER A 98 -10.33 -11.22 7.80
C SER A 98 -10.73 -11.64 6.39
N LEU A 99 -9.98 -12.55 5.76
CA LEU A 99 -10.37 -13.09 4.47
C LEU A 99 -11.53 -14.07 4.62
N HIS A 100 -11.41 -14.99 5.58
CA HIS A 100 -12.41 -16.04 5.76
C HIS A 100 -13.32 -15.84 6.97
N GLY A 101 -13.00 -14.91 7.87
CA GLY A 101 -13.80 -14.69 9.06
C GLY A 101 -13.45 -15.54 10.26
N TYR A 102 -12.35 -16.30 10.20
CA TYR A 102 -11.99 -17.21 11.28
C TYR A 102 -10.64 -17.83 10.98
N PHE A 103 -9.95 -18.23 12.04
CA PHE A 103 -8.70 -18.99 11.90
C PHE A 103 -9.04 -20.40 11.44
N VAL A 104 -8.65 -20.75 10.22
CA VAL A 104 -8.75 -22.14 9.79
C VAL A 104 -7.81 -23.01 10.63
N PHE A 105 -6.71 -22.44 11.09
CA PHE A 105 -5.84 -23.13 12.05
C PHE A 105 -6.54 -23.41 13.36
N GLY A 106 -7.56 -22.63 13.71
CA GLY A 106 -8.23 -22.77 14.98
C GLY A 106 -7.54 -21.93 16.04
N PRO A 107 -7.49 -22.38 17.30
CA PRO A 107 -6.73 -21.61 18.30
C PRO A 107 -5.23 -21.61 18.05
N THR A 108 -4.72 -22.50 17.20
CA THR A 108 -3.30 -22.44 16.84
C THR A 108 -2.97 -21.12 16.14
N GLY A 109 -3.81 -20.71 15.19
CA GLY A 109 -3.57 -19.44 14.52
C GLY A 109 -3.75 -18.25 15.43
N CYS A 110 -4.75 -18.31 16.32
CA CYS A 110 -4.94 -17.26 17.30
C CYS A 110 -3.75 -17.15 18.24
N ASN A 111 -3.13 -18.29 18.57
CA ASN A 111 -1.94 -18.24 19.41
C ASN A 111 -0.74 -17.71 18.63
N LEU A 112 -0.69 -17.97 17.33
CA LEU A 112 0.35 -17.39 16.51
C LEU A 112 0.19 -15.88 16.37
N GLU A 113 -1.05 -15.39 16.45
CA GLU A 113 -1.32 -13.97 16.22
C GLU A 113 -0.65 -13.10 17.29
N GLY A 114 -0.98 -13.34 18.55
CA GLY A 114 -0.42 -12.55 19.64
C GLY A 114 1.02 -12.86 20.00
N PHE A 115 1.64 -13.85 19.34
CA PHE A 115 3.03 -14.18 19.66
C PHE A 115 4.00 -13.05 19.30
N PHE A 116 3.61 -12.13 18.42
CA PHE A 116 4.45 -10.99 18.02
C PHE A 116 3.80 -9.64 18.25
N ALA A 117 2.50 -9.57 18.52
CA ALA A 117 1.84 -8.28 18.66
C ALA A 117 2.29 -7.57 19.93
N THR A 118 2.03 -8.18 21.09
CA THR A 118 2.45 -7.58 22.35
C THR A 118 3.97 -7.59 22.47
N LEU A 119 4.65 -8.52 21.82
CA LEU A 119 6.11 -8.52 21.82
C LEU A 119 6.65 -7.29 21.11
N GLY A 120 6.15 -7.02 19.90
CA GLY A 120 6.58 -5.85 19.17
C GLY A 120 6.22 -4.56 19.89
N GLY A 121 5.03 -4.51 20.48
CA GLY A 121 4.65 -3.35 21.26
C GLY A 121 5.56 -3.14 22.46
N GLU A 122 5.93 -4.24 23.11
CA GLU A 122 6.83 -4.16 24.26
C GLU A 122 8.19 -3.62 23.86
N ILE A 123 8.73 -4.13 22.74
CA ILE A 123 10.03 -3.64 22.29
C ILE A 123 9.94 -2.16 21.90
N ALA A 124 8.88 -1.79 21.18
CA ALA A 124 8.74 -0.42 20.72
C ALA A 124 8.55 0.55 21.88
N LEU A 125 7.94 0.09 22.98
CA LEU A 125 7.72 0.97 24.13
C LEU A 125 8.98 1.05 25.00
N TRP A 126 9.52 -0.10 25.40
CA TRP A 126 10.66 -0.10 26.31
C TRP A 126 11.96 0.35 25.66
N SER A 127 12.08 0.24 24.33
CA SER A 127 13.30 0.67 23.66
C SER A 127 13.47 2.18 23.74
N LEU A 128 12.38 2.93 23.78
CA LEU A 128 12.47 4.38 23.88
C LEU A 128 12.95 4.86 25.25
N VAL A 129 12.95 3.99 26.25
CA VAL A 129 13.51 4.35 27.56
C VAL A 129 15.04 4.37 27.51
N VAL A 130 15.61 3.43 26.75
CA VAL A 130 17.07 3.26 26.72
C VAL A 130 17.72 4.50 26.10
N LEU A 131 17.06 5.11 25.12
CA LEU A 131 17.53 6.37 24.56
C LEU A 131 17.17 7.56 25.42
N ALA A 132 16.04 7.50 26.14
CA ALA A 132 15.64 8.59 27.01
C ALA A 132 16.68 8.85 28.09
N ILE A 133 17.13 7.77 28.75
CA ILE A 133 18.15 7.93 29.78
C ILE A 133 19.43 8.49 29.17
N GLU A 134 19.75 8.08 27.94
CA GLU A 134 20.93 8.59 27.26
C GLU A 134 20.84 10.10 27.04
N ARG A 135 19.70 10.57 26.52
CA ARG A 135 19.52 12.00 26.31
C ARG A 135 19.63 12.74 27.63
N TYR A 136 19.06 12.18 28.70
CA TYR A 136 19.18 12.82 30.00
C TYR A 136 20.62 12.92 30.45
N VAL A 137 21.43 11.88 30.18
CA VAL A 137 22.85 11.94 30.53
C VAL A 137 23.54 13.05 29.76
N VAL A 138 23.33 13.10 28.43
CA VAL A 138 24.01 14.13 27.64
C VAL A 138 23.52 15.53 27.99
N VAL A 139 22.35 15.68 28.60
CA VAL A 139 21.85 17.00 28.99
C VAL A 139 22.35 17.41 30.37
N CYS A 140 22.36 16.49 31.35
CA CYS A 140 22.68 16.85 32.74
C CYS A 140 24.15 16.70 33.09
N LYS A 141 24.86 15.79 32.43
CA LYS A 141 26.31 15.66 32.54
C LYS A 141 26.76 15.22 33.93
N PRO A 142 26.44 14.00 34.36
CA PRO A 142 27.05 13.51 35.61
C PRO A 142 28.51 13.14 35.43
N MET A 143 28.86 12.62 34.26
CA MET A 143 30.22 12.30 33.87
C MET A 143 30.70 13.30 32.83
N SER A 144 31.98 13.20 32.49
CA SER A 144 32.64 14.08 31.52
C SER A 144 33.11 13.36 30.27
N ASN A 145 33.66 12.15 30.41
CA ASN A 145 34.21 11.38 29.30
C ASN A 145 33.27 10.27 28.84
N PHE A 146 32.02 10.27 29.29
CA PHE A 146 31.12 9.15 29.03
C PHE A 146 30.50 9.25 27.65
N ARG A 147 30.29 8.09 27.04
CA ARG A 147 29.56 7.98 25.78
C ARG A 147 29.17 6.51 25.63
N PHE A 148 28.22 6.26 24.74
CA PHE A 148 27.63 4.93 24.59
C PHE A 148 28.21 4.25 23.35
N GLY A 149 28.71 3.03 23.53
CA GLY A 149 29.32 2.26 22.47
C GLY A 149 28.98 0.78 22.52
N GLU A 150 29.97 -0.09 22.26
CA GLU A 150 29.72 -1.53 22.19
C GLU A 150 29.60 -2.19 23.54
N ASN A 151 29.78 -1.46 24.65
CA ASN A 151 29.65 -2.00 25.99
C ASN A 151 28.76 -1.14 26.89
N HIS A 152 27.99 -0.20 26.30
CA HIS A 152 26.96 0.56 27.01
C HIS A 152 25.60 0.52 26.34
N ALA A 153 25.52 0.15 25.06
CA ALA A 153 24.30 0.23 24.25
C ALA A 153 23.63 -1.12 24.05
N ILE A 154 24.40 -2.12 23.60
CA ILE A 154 23.82 -3.44 23.34
C ILE A 154 23.31 -4.08 24.63
N MET A 155 23.80 -3.66 25.80
CA MET A 155 23.22 -4.14 27.05
C MET A 155 21.76 -3.71 27.19
N GLY A 156 21.43 -2.49 26.76
CA GLY A 156 20.04 -2.05 26.81
C GLY A 156 19.16 -2.79 25.80
N VAL A 157 19.73 -3.13 24.64
CA VAL A 157 18.95 -3.89 23.67
C VAL A 157 18.72 -5.30 24.21
N ALA A 158 19.71 -5.84 24.92
CA ALA A 158 19.51 -7.13 25.57
C ALA A 158 18.50 -7.04 26.70
N PHE A 159 18.44 -5.90 27.39
CA PHE A 159 17.38 -5.68 28.38
C PHE A 159 16.01 -5.75 27.72
N THR A 160 15.83 -5.00 26.63
CA THR A 160 14.55 -5.00 25.95
C THR A 160 14.21 -6.39 25.41
N TRP A 161 15.22 -7.12 24.94
CA TRP A 161 14.97 -8.45 24.42
C TRP A 161 14.59 -9.45 25.51
N VAL A 162 15.30 -9.41 26.64
CA VAL A 162 15.01 -10.39 27.69
C VAL A 162 13.68 -10.09 28.38
N MET A 163 13.23 -8.82 28.36
CA MET A 163 11.84 -8.56 28.76
C MET A 163 10.85 -8.90 27.65
N ALA A 164 11.28 -8.82 26.39
CA ALA A 164 10.39 -9.20 25.29
C ALA A 164 10.07 -10.69 25.31
N LEU A 165 11.07 -11.52 25.63
CA LEU A 165 10.88 -12.96 25.78
C LEU A 165 10.59 -13.36 27.22
N ALA A 166 10.13 -12.41 28.05
CA ALA A 166 9.56 -12.69 29.36
C ALA A 166 8.18 -12.07 29.56
N CYS A 167 7.75 -11.15 28.69
CA CYS A 167 6.43 -10.52 28.75
C CYS A 167 5.48 -11.04 27.68
N ALA A 168 6.00 -11.56 26.56
CA ALA A 168 5.17 -12.04 25.46
C ALA A 168 4.89 -13.53 25.54
N ALA A 169 5.86 -14.31 26.00
CA ALA A 169 5.76 -15.76 26.19
C ALA A 169 4.84 -16.27 27.30
N PRO A 170 4.71 -15.63 28.48
CA PRO A 170 3.99 -16.27 29.62
C PRO A 170 2.55 -16.65 29.34
N PRO A 171 1.78 -15.90 28.53
CA PRO A 171 0.43 -16.42 28.18
C PRO A 171 0.45 -17.71 27.40
N LEU A 172 1.57 -18.06 26.76
CA LEU A 172 1.63 -19.27 25.95
C LEU A 172 1.52 -20.54 26.79
N VAL A 173 1.99 -20.50 28.04
CA VAL A 173 2.07 -21.71 28.86
C VAL A 173 0.83 -21.93 29.73
N GLY A 174 0.04 -20.89 29.99
CA GLY A 174 -1.19 -21.00 30.75
C GLY A 174 -1.37 -20.00 31.88
N TRP A 175 -0.35 -19.17 32.14
CA TRP A 175 -0.54 -18.08 33.09
C TRP A 175 -1.49 -17.02 32.55
N SER A 176 -1.64 -16.96 31.22
CA SER A 176 -2.69 -16.21 30.56
C SER A 176 -3.04 -16.99 29.29
N ARG A 177 -3.77 -16.34 28.39
CA ARG A 177 -4.24 -17.00 27.18
C ARG A 177 -4.49 -15.95 26.13
N TYR A 178 -4.97 -16.40 24.97
CA TYR A 178 -5.34 -15.53 23.86
C TYR A 178 -6.79 -15.77 23.48
N ILE A 179 -7.50 -14.67 23.24
CA ILE A 179 -8.95 -14.67 23.06
C ILE A 179 -9.24 -13.58 22.01
N PRO A 180 -10.14 -13.79 21.04
CA PRO A 180 -10.30 -12.77 20.00
C PRO A 180 -11.10 -11.57 20.49
N GLU A 181 -10.57 -10.37 20.27
CA GLU A 181 -11.20 -9.10 20.61
C GLU A 181 -11.50 -8.31 19.34
N GLY A 182 -12.04 -7.10 19.53
CA GLY A 182 -12.40 -6.23 18.43
C GLY A 182 -13.74 -6.60 17.84
N MET A 183 -13.74 -7.05 16.59
CA MET A 183 -14.85 -7.78 16.00
C MET A 183 -14.66 -9.29 16.14
N GLN A 184 -13.99 -9.71 17.22
CA GLN A 184 -13.51 -11.08 17.38
C GLN A 184 -12.63 -11.49 16.20
N CYS A 185 -11.73 -10.58 15.83
CA CYS A 185 -10.78 -10.79 14.73
C CYS A 185 -9.36 -10.38 15.10
N SER A 186 -9.05 -10.28 16.39
CA SER A 186 -7.72 -9.91 16.84
C SER A 186 -7.51 -10.49 18.22
N CYS A 187 -6.55 -11.39 18.36
CA CYS A 187 -6.34 -12.11 19.61
C CYS A 187 -5.40 -11.33 20.51
N GLY A 188 -5.88 -11.04 21.73
CA GLY A 188 -5.10 -10.32 22.72
C GLY A 188 -5.29 -10.92 24.10
N ILE A 189 -5.57 -10.07 25.10
CA ILE A 189 -5.72 -10.47 26.48
C ILE A 189 -7.12 -10.13 26.94
N ASP A 190 -7.68 -10.98 27.81
CA ASP A 190 -9.06 -10.83 28.24
C ASP A 190 -9.21 -9.69 29.24
N TYR A 191 -10.29 -8.92 29.07
CA TYR A 191 -10.81 -8.03 30.09
C TYR A 191 -12.28 -8.29 30.39
N TYR A 192 -12.89 -9.31 29.78
CA TYR A 192 -14.32 -9.56 29.93
C TYR A 192 -14.66 -10.43 31.13
N THR A 193 -13.71 -11.20 31.65
CA THR A 193 -13.96 -12.20 32.67
C THR A 193 -12.74 -12.32 33.57
N PRO A 194 -12.92 -12.65 34.87
CA PRO A 194 -11.73 -12.99 35.68
C PRO A 194 -11.02 -14.24 35.18
N HIS A 195 -11.75 -15.36 35.07
CA HIS A 195 -11.21 -16.63 34.61
C HIS A 195 -9.98 -17.06 35.45
N GLU A 196 -10.27 -17.36 36.71
CA GLU A 196 -9.22 -17.74 37.65
C GLU A 196 -8.53 -19.05 37.31
N GLU A 197 -9.05 -19.85 36.37
CA GLU A 197 -8.43 -21.13 36.05
C GLU A 197 -7.03 -20.94 35.45
N THR A 198 -6.91 -20.05 34.46
CA THR A 198 -5.62 -19.73 33.86
C THR A 198 -4.91 -18.57 34.55
N ASN A 199 -5.44 -18.05 35.65
CA ASN A 199 -4.79 -17.01 36.45
C ASN A 199 -4.57 -15.74 35.62
N ASN A 200 -5.68 -15.13 35.17
CA ASN A 200 -5.60 -13.92 34.36
C ASN A 200 -5.59 -12.65 35.19
N GLU A 201 -6.36 -12.61 36.28
CA GLU A 201 -6.50 -11.38 37.06
C GLU A 201 -5.16 -10.92 37.62
N SER A 202 -4.46 -11.81 38.34
CA SER A 202 -3.10 -11.52 38.78
C SER A 202 -2.19 -11.24 37.60
N PHE A 203 -2.40 -11.93 36.48
CA PHE A 203 -1.58 -11.68 35.29
C PHE A 203 -1.83 -10.29 34.73
N VAL A 204 -3.10 -9.88 34.66
CA VAL A 204 -3.41 -8.57 34.10
C VAL A 204 -2.85 -7.46 34.99
N ILE A 205 -2.96 -7.62 36.32
CA ILE A 205 -2.38 -6.65 37.23
C ILE A 205 -0.86 -6.62 37.08
N TYR A 206 -0.24 -7.80 37.03
CA TYR A 206 1.20 -7.92 36.90
C TYR A 206 1.69 -7.28 35.60
N MET A 207 0.89 -7.36 34.54
CA MET A 207 1.25 -6.72 33.28
C MET A 207 1.13 -5.19 33.39
N PHE A 208 -0.02 -4.70 33.86
CA PHE A 208 -0.25 -3.26 33.86
C PHE A 208 0.69 -2.54 34.83
N VAL A 209 0.78 -3.02 36.08
CA VAL A 209 1.53 -2.26 37.08
C VAL A 209 3.04 -2.29 36.79
N VAL A 210 3.52 -3.25 36.00
CA VAL A 210 4.94 -3.34 35.66
C VAL A 210 5.25 -2.59 34.38
N HIS A 211 4.52 -2.87 33.31
CA HIS A 211 4.94 -2.49 31.96
C HIS A 211 4.35 -1.18 31.47
N PHE A 212 3.21 -0.74 32.02
CA PHE A 212 2.48 0.40 31.43
C PHE A 212 2.84 1.73 32.08
N ILE A 213 2.59 1.87 33.39
CA ILE A 213 2.69 3.19 34.02
C ILE A 213 4.10 3.49 34.54
N ILE A 214 4.87 2.48 34.92
CA ILE A 214 6.19 2.72 35.52
C ILE A 214 7.19 3.21 34.48
N PRO A 215 7.42 2.52 33.35
CA PRO A 215 8.31 3.13 32.35
C PRO A 215 7.73 4.40 31.77
N LEU A 216 6.41 4.51 31.71
CA LEU A 216 5.75 5.73 31.28
C LEU A 216 6.14 6.91 32.17
N ILE A 217 6.12 6.72 33.49
CA ILE A 217 6.41 7.85 34.38
C ILE A 217 7.91 8.10 34.47
N VAL A 218 8.74 7.07 34.30
CA VAL A 218 10.18 7.33 34.16
C VAL A 218 10.44 8.17 32.92
N ILE A 219 9.70 7.91 31.84
CA ILE A 219 9.84 8.73 30.64
C ILE A 219 9.34 10.14 30.88
N PHE A 220 8.22 10.29 31.60
CA PHE A 220 7.66 11.61 31.83
C PHE A 220 8.54 12.46 32.74
N PHE A 221 9.21 11.84 33.72
CA PHE A 221 10.10 12.58 34.61
C PHE A 221 11.51 12.74 34.04
N CYS A 222 11.91 11.89 33.08
CA CYS A 222 13.02 12.27 32.22
C CYS A 222 12.64 13.50 31.40
N TYR A 223 11.39 13.53 30.92
CA TYR A 223 10.85 14.74 30.31
C TYR A 223 10.57 15.80 31.38
N GLY A 224 10.28 15.37 32.60
CA GLY A 224 10.24 16.27 33.74
C GLY A 224 11.60 16.80 34.16
N GLN A 225 12.69 16.24 33.62
CA GLN A 225 14.04 16.75 33.81
C GLN A 225 14.69 17.13 32.48
N LEU A 226 13.88 17.48 31.47
CA LEU A 226 14.37 17.84 30.14
C LEU A 226 13.56 19.02 29.58
N VAL A 227 13.33 20.03 30.42
CA VAL A 227 12.69 21.28 30.00
C VAL A 227 13.44 22.50 30.54
N PHE A 228 14.50 22.29 31.32
CA PHE A 228 15.20 23.39 31.99
C PHE A 228 16.37 23.90 31.14
N THR A 229 17.33 23.03 30.83
CA THR A 229 18.59 23.47 30.25
C THR A 229 18.48 23.72 28.75
N VAL A 230 18.20 22.66 27.97
CA VAL A 230 17.99 22.80 26.54
C VAL A 230 16.53 23.20 26.33
N LYS A 231 16.30 24.08 25.37
CA LYS A 231 15.03 24.78 25.22
C LYS A 231 14.29 24.24 24.01
N GLU A 232 12.99 23.98 24.17
CA GLU A 232 12.15 23.59 23.05
C GLU A 232 11.86 24.75 22.10
N ALA A 233 11.98 25.99 22.56
CA ALA A 233 11.83 27.17 21.70
C ALA A 233 13.07 27.31 20.85
N ALA A 234 13.07 26.62 19.71
CA ALA A 234 14.23 26.56 18.84
C ALA A 234 14.25 27.74 17.88
N ALA A 235 15.45 28.31 17.69
CA ALA A 235 15.69 29.37 16.72
C ALA A 235 16.64 28.93 15.62
N GLN A 236 17.83 28.46 15.98
CA GLN A 236 18.83 28.03 15.00
C GLN A 236 19.94 27.29 15.77
N GLN A 237 20.98 26.91 15.06
CA GLN A 237 22.02 26.05 15.59
C GLN A 237 22.88 26.80 16.62
N GLN A 238 23.81 26.06 17.23
CA GLN A 238 24.80 26.58 18.16
C GLN A 238 24.12 27.19 19.40
N GLU A 239 23.48 26.31 20.17
CA GLU A 239 23.13 26.64 21.55
C GLU A 239 24.35 26.48 22.44
N SER A 240 24.95 25.28 22.44
CA SER A 240 26.23 25.01 23.08
C SER A 240 27.26 24.47 22.11
N ALA A 241 26.91 23.47 21.29
CA ALA A 241 27.88 22.82 20.42
C ALA A 241 27.13 22.16 19.26
N THR A 242 27.90 21.65 18.30
CA THR A 242 27.33 21.03 17.10
C THR A 242 26.88 19.60 17.37
N THR A 243 27.68 18.83 18.12
CA THR A 243 27.19 17.53 18.57
C THR A 243 26.04 17.72 19.55
N GLN A 244 26.08 18.80 20.34
CA GLN A 244 24.92 19.13 21.17
C GLN A 244 23.75 19.64 20.32
N LYS A 245 24.03 20.18 19.13
CA LYS A 245 22.93 20.49 18.22
C LYS A 245 22.29 19.20 17.71
N ALA A 246 23.09 18.17 17.44
CA ALA A 246 22.53 16.86 17.12
C ALA A 246 21.73 16.32 18.30
N GLU A 247 22.21 16.57 19.53
CA GLU A 247 21.46 16.18 20.72
C GLU A 247 20.10 16.87 20.76
N LYS A 248 20.07 18.17 20.45
CA LYS A 248 18.82 18.91 20.42
C LYS A 248 17.89 18.36 19.34
N GLU A 249 18.46 17.99 18.19
CA GLU A 249 17.70 17.39 17.11
C GLU A 249 17.01 16.11 17.57
N VAL A 250 17.78 15.18 18.12
CA VAL A 250 17.22 13.93 18.61
C VAL A 250 16.26 14.17 19.76
N THR A 251 16.48 15.24 20.53
CA THR A 251 15.61 15.55 21.66
C THR A 251 14.22 15.92 21.17
N ARG A 252 14.12 16.87 20.26
CA ARG A 252 12.82 17.24 19.73
C ARG A 252 12.19 16.08 18.98
N MET A 253 13.00 15.27 18.29
CA MET A 253 12.50 14.09 17.60
C MET A 253 11.85 13.12 18.57
N VAL A 254 12.53 12.81 19.67
CA VAL A 254 11.99 11.83 20.60
C VAL A 254 10.81 12.41 21.38
N ILE A 255 10.76 13.73 21.57
CA ILE A 255 9.59 14.34 22.20
C ILE A 255 8.36 14.10 21.35
N ILE A 256 8.43 14.45 20.07
CA ILE A 256 7.30 14.20 19.18
C ILE A 256 7.04 12.70 19.04
N MET A 257 8.09 11.88 19.15
CA MET A 257 7.93 10.43 19.04
C MET A 257 7.08 9.88 20.18
N VAL A 258 7.46 10.18 21.43
CA VAL A 258 6.69 9.66 22.55
C VAL A 258 5.33 10.32 22.62
N ILE A 259 5.18 11.54 22.12
CA ILE A 259 3.85 12.15 22.12
C ILE A 259 2.94 11.42 21.13
N ALA A 260 3.48 11.03 19.98
CA ALA A 260 2.69 10.25 19.03
C ALA A 260 2.35 8.88 19.62
N PHE A 261 3.31 8.26 20.32
CA PHE A 261 3.03 6.98 20.97
C PHE A 261 1.96 7.12 22.03
N LEU A 262 1.95 8.25 22.76
CA LEU A 262 0.90 8.52 23.73
C LEU A 262 -0.46 8.58 23.05
N ILE A 263 -0.55 9.41 21.99
CA ILE A 263 -1.80 9.58 21.25
C ILE A 263 -2.30 8.25 20.70
N CYS A 264 -1.37 7.35 20.35
CA CYS A 264 -1.77 6.04 19.83
C CYS A 264 -2.24 5.11 20.94
N TRP A 265 -1.43 4.95 21.99
CA TRP A 265 -1.60 3.87 22.95
C TRP A 265 -2.49 4.23 24.15
N LEU A 266 -2.92 5.49 24.29
CA LEU A 266 -3.75 5.83 25.43
C LEU A 266 -5.06 5.07 25.46
N PRO A 267 -5.95 5.19 24.46
CA PRO A 267 -7.27 4.55 24.61
C PRO A 267 -7.22 3.04 24.48
N TYR A 268 -6.12 2.48 23.94
CA TYR A 268 -5.98 1.05 23.72
C TYR A 268 -6.26 0.24 24.99
N ALA A 269 -5.69 0.68 26.11
CA ALA A 269 -6.02 0.15 27.44
C ALA A 269 -6.88 1.10 28.25
N GLY A 270 -7.06 2.35 27.82
CA GLY A 270 -8.05 3.21 28.44
C GLY A 270 -9.45 2.61 28.40
N VAL A 271 -9.77 1.90 27.32
CA VAL A 271 -11.04 1.17 27.26
C VAL A 271 -10.95 -0.16 28.01
N ALA A 272 -9.77 -0.78 28.04
CA ALA A 272 -9.63 -2.04 28.77
C ALA A 272 -9.88 -1.86 30.26
N PHE A 273 -9.53 -0.69 30.79
CA PHE A 273 -9.93 -0.33 32.16
C PHE A 273 -11.44 -0.46 32.34
N TYR A 274 -12.21 0.22 31.48
CA TYR A 274 -13.67 0.20 31.61
C TYR A 274 -14.23 -1.20 31.42
N ILE A 275 -13.59 -2.02 30.59
CA ILE A 275 -14.09 -3.37 30.37
C ILE A 275 -13.75 -4.28 31.54
N PHE A 276 -12.58 -4.07 32.15
CA PHE A 276 -12.11 -4.95 33.21
C PHE A 276 -12.82 -4.64 34.53
N THR A 277 -12.72 -3.39 34.99
CA THR A 277 -13.26 -3.08 36.32
C THR A 277 -14.78 -3.07 36.30
N HIS A 278 -15.38 -2.48 35.26
CA HIS A 278 -16.83 -2.28 35.16
C HIS A 278 -17.37 -3.22 34.08
N GLN A 279 -17.80 -4.41 34.50
CA GLN A 279 -18.54 -5.34 33.66
C GLN A 279 -19.79 -5.76 34.42
N GLY A 280 -20.93 -5.71 33.75
CA GLY A 280 -22.20 -6.08 34.35
C GLY A 280 -23.37 -5.20 33.99
N SER A 281 -23.15 -3.89 33.78
CA SER A 281 -24.24 -3.05 33.30
C SER A 281 -24.51 -3.33 31.83
N ASP A 282 -23.57 -2.90 30.97
CA ASP A 282 -23.51 -3.26 29.55
C ASP A 282 -22.27 -2.59 28.96
N PHE A 283 -22.03 -2.79 27.66
CA PHE A 283 -21.00 -2.05 26.95
C PHE A 283 -21.31 -2.12 25.45
N GLY A 284 -20.58 -1.30 24.68
CA GLY A 284 -20.79 -1.17 23.26
C GLY A 284 -19.68 -1.81 22.43
N PRO A 285 -19.98 -2.26 21.21
CA PRO A 285 -18.89 -2.80 20.37
C PRO A 285 -18.00 -1.71 19.79
N ILE A 286 -18.59 -0.62 19.30
CA ILE A 286 -17.80 0.50 18.81
C ILE A 286 -17.08 1.20 19.95
N PHE A 287 -17.57 1.06 21.20
CA PHE A 287 -16.92 1.68 22.34
C PHE A 287 -15.50 1.16 22.54
N MET A 288 -15.24 -0.09 22.18
CA MET A 288 -13.97 -0.78 22.40
C MET A 288 -13.17 -0.99 21.13
N THR A 289 -13.83 -1.36 20.04
CA THR A 289 -13.11 -1.89 18.88
C THR A 289 -12.31 -0.81 18.16
N ILE A 290 -12.89 0.37 17.98
CA ILE A 290 -12.29 1.45 17.22
C ILE A 290 -10.99 1.93 17.88
N PRO A 291 -10.99 2.36 19.15
CA PRO A 291 -9.73 2.88 19.73
C PRO A 291 -8.63 1.85 19.84
N ALA A 292 -8.98 0.57 19.96
CA ALA A 292 -7.94 -0.45 20.04
C ALA A 292 -7.22 -0.61 18.70
N PHE A 293 -7.97 -0.66 17.61
CA PHE A 293 -7.39 -0.80 16.29
C PHE A 293 -6.88 0.51 15.71
N PHE A 294 -7.11 1.64 16.38
CA PHE A 294 -6.34 2.84 16.05
C PHE A 294 -4.84 2.61 16.22
N ALA A 295 -4.45 1.79 17.21
CA ALA A 295 -3.07 1.68 17.64
C ALA A 295 -2.26 0.64 16.88
N LYS A 296 -2.81 0.04 15.84
CA LYS A 296 -2.07 -0.98 15.08
C LYS A 296 -1.10 -0.39 14.07
N THR A 297 -0.92 0.92 14.05
CA THR A 297 -0.05 1.60 13.09
C THR A 297 1.29 2.02 13.72
N SER A 298 1.63 1.47 14.89
CA SER A 298 2.68 2.02 15.74
C SER A 298 4.06 2.01 15.10
N ALA A 299 4.61 0.81 14.85
CA ALA A 299 5.99 0.71 14.39
C ALA A 299 6.17 1.21 12.96
N VAL A 300 5.10 1.29 12.18
CA VAL A 300 5.25 1.66 10.77
C VAL A 300 5.65 3.12 10.61
N TYR A 301 5.27 3.99 11.55
CA TYR A 301 5.66 5.40 11.51
C TYR A 301 6.91 5.70 12.31
N ASN A 302 7.67 4.68 12.73
CA ASN A 302 8.94 4.89 13.41
C ASN A 302 10.07 5.25 12.43
N PRO A 303 10.19 4.62 11.25
CA PRO A 303 11.25 5.06 10.33
C PRO A 303 11.04 6.44 9.74
N VAL A 304 9.80 6.89 9.56
CA VAL A 304 9.60 8.14 8.80
C VAL A 304 9.97 9.34 9.67
N ILE A 305 9.74 9.27 10.99
CA ILE A 305 10.20 10.35 11.86
C ILE A 305 11.73 10.37 11.90
N TYR A 306 12.36 9.20 11.75
CA TYR A 306 13.82 9.17 11.62
C TYR A 306 14.28 9.77 10.30
N ILE A 307 13.45 9.69 9.25
CA ILE A 307 13.70 10.42 8.01
C ILE A 307 13.43 11.92 8.17
N MET A 308 12.58 12.32 9.12
CA MET A 308 12.08 13.69 9.16
C MET A 308 13.20 14.70 9.39
N MET A 309 13.91 14.57 10.52
CA MET A 309 14.85 15.59 10.98
C MET A 309 16.31 15.16 10.93
N ASN A 310 16.61 13.86 11.02
CA ASN A 310 18.00 13.42 11.00
C ASN A 310 18.62 13.74 9.65
N LYS A 311 19.64 14.59 9.66
CA LYS A 311 20.17 15.18 8.43
C LYS A 311 21.11 14.22 7.72
N GLN A 312 22.18 13.82 8.37
CA GLN A 312 23.19 12.99 7.72
C GLN A 312 22.70 11.56 7.54
N PHE A 313 21.80 11.07 8.40
CA PHE A 313 21.21 9.77 8.14
C PHE A 313 20.43 9.81 6.82
N ARG A 314 19.67 10.88 6.61
CA ARG A 314 19.02 11.09 5.32
C ARG A 314 20.04 11.20 4.20
N ASN A 315 21.23 11.76 4.48
CA ASN A 315 22.27 11.78 3.46
C ASN A 315 22.72 10.37 3.11
N CYS A 316 22.87 9.50 4.11
CA CYS A 316 23.20 8.11 3.86
C CYS A 316 22.11 7.44 3.03
N MET A 317 20.84 7.73 3.34
CA MET A 317 19.72 7.18 2.59
C MET A 317 19.79 7.59 1.12
N VAL A 318 19.87 8.89 0.85
CA VAL A 318 19.85 9.36 -0.54
C VAL A 318 21.12 8.98 -1.29
N THR A 319 22.24 8.74 -0.59
CA THR A 319 23.43 8.27 -1.28
C THR A 319 23.28 6.80 -1.68
N THR A 320 22.95 5.93 -0.73
CA THR A 320 22.84 4.51 -1.02
C THR A 320 21.50 4.13 -1.65
N LEU A 321 20.66 5.10 -2.01
CA LEU A 321 19.40 4.79 -2.70
C LEU A 321 19.68 4.11 -4.04
N CYS A 322 20.38 4.81 -4.94
CA CYS A 322 20.84 4.22 -6.20
C CYS A 322 22.12 3.43 -6.05
N CYS A 323 22.66 3.29 -4.83
CA CYS A 323 23.94 2.64 -4.56
C CYS A 323 25.11 3.32 -5.28
N GLY A 324 24.97 4.61 -5.62
CA GLY A 324 26.06 5.41 -6.11
C GLY A 324 26.45 6.51 -5.14
N LYS A 325 25.99 7.71 -5.44
CA LYS A 325 26.38 8.93 -4.74
C LYS A 325 25.30 9.99 -4.89
N MET B 1 -27.33 -23.72 -22.21
CA MET B 1 -26.55 -22.87 -23.09
C MET B 1 -25.14 -22.70 -22.52
N ASN B 2 -24.31 -21.93 -23.22
CA ASN B 2 -22.88 -21.81 -22.91
C ASN B 2 -22.57 -20.60 -22.05
N GLY B 3 -23.49 -20.25 -21.14
CA GLY B 3 -23.33 -19.10 -20.29
C GLY B 3 -24.65 -18.62 -19.75
N THR B 4 -24.81 -17.31 -19.61
CA THR B 4 -26.03 -16.74 -19.06
C THR B 4 -26.13 -15.29 -19.51
N GLU B 5 -27.34 -14.90 -19.92
CA GLU B 5 -27.58 -13.63 -20.61
C GLU B 5 -28.48 -12.72 -19.78
N GLY B 6 -28.29 -11.42 -19.97
CA GLY B 6 -29.12 -10.42 -19.32
C GLY B 6 -29.17 -9.13 -20.11
N PRO B 7 -29.98 -8.17 -19.65
CA PRO B 7 -30.04 -6.87 -20.36
C PRO B 7 -28.88 -5.95 -20.03
N ASN B 8 -28.24 -6.13 -18.88
CA ASN B 8 -27.06 -5.35 -18.52
C ASN B 8 -25.99 -6.20 -17.84
N PHE B 9 -26.07 -7.53 -17.93
CA PHE B 9 -25.06 -8.39 -17.34
C PHE B 9 -25.05 -9.72 -18.09
N TYR B 10 -23.90 -10.39 -18.03
CA TYR B 10 -23.71 -11.71 -18.63
C TYR B 10 -22.91 -12.51 -17.63
N VAL B 11 -23.59 -13.33 -16.83
CA VAL B 11 -22.88 -14.22 -15.91
C VAL B 11 -22.17 -15.30 -16.72
N PRO B 12 -20.86 -15.56 -16.51
CA PRO B 12 -20.20 -16.63 -17.30
C PRO B 12 -20.41 -18.01 -16.69
N PHE B 13 -21.68 -18.39 -16.55
CA PHE B 13 -22.04 -19.63 -15.89
C PHE B 13 -23.49 -19.96 -16.26
N SER B 14 -23.78 -21.25 -16.40
CA SER B 14 -25.08 -21.67 -16.90
C SER B 14 -26.17 -21.38 -15.88
N ASN B 15 -27.22 -20.69 -16.32
CA ASN B 15 -28.42 -20.49 -15.52
C ASN B 15 -29.36 -21.70 -15.54
N LYS B 16 -28.96 -22.81 -16.18
CA LYS B 16 -29.68 -24.05 -16.01
C LYS B 16 -29.62 -24.54 -14.57
N THR B 17 -28.59 -24.13 -13.82
CA THR B 17 -28.56 -24.38 -12.39
C THR B 17 -29.77 -23.79 -11.67
N GLY B 18 -30.29 -22.67 -12.17
CA GLY B 18 -31.44 -22.04 -11.54
C GLY B 18 -31.10 -21.26 -10.30
N VAL B 19 -29.97 -20.54 -10.32
CA VAL B 19 -29.49 -19.78 -9.17
C VAL B 19 -29.18 -18.33 -9.50
N VAL B 20 -29.01 -17.97 -10.77
CA VAL B 20 -28.64 -16.61 -11.13
C VAL B 20 -29.80 -15.68 -10.80
N ARG B 21 -29.54 -14.72 -9.92
CA ARG B 21 -30.47 -13.66 -9.56
C ARG B 21 -29.76 -12.32 -9.76
N SER B 22 -30.43 -11.22 -9.37
CA SER B 22 -30.00 -9.85 -9.65
C SER B 22 -28.56 -9.58 -9.24
N PRO B 23 -27.60 -9.42 -10.20
CA PRO B 23 -26.20 -9.28 -9.78
C PRO B 23 -25.85 -7.87 -9.32
N PHE B 24 -26.47 -6.86 -9.94
CA PHE B 24 -26.19 -5.48 -9.56
C PHE B 24 -26.81 -5.10 -8.22
N GLU B 25 -27.65 -5.95 -7.63
CA GLU B 25 -28.22 -5.75 -6.31
C GLU B 25 -27.69 -6.73 -5.28
N ALA B 26 -27.49 -8.01 -5.68
CA ALA B 26 -27.01 -9.06 -4.79
C ALA B 26 -25.50 -9.26 -4.95
N PRO B 27 -24.77 -9.71 -3.94
CA PRO B 27 -23.40 -10.17 -4.18
C PRO B 27 -23.40 -11.43 -5.03
N GLN B 28 -22.21 -11.83 -5.44
CA GLN B 28 -22.02 -12.91 -6.41
C GLN B 28 -20.98 -13.91 -5.90
N TYR B 29 -21.18 -14.35 -4.66
CA TYR B 29 -20.33 -15.39 -4.09
C TYR B 29 -20.64 -16.77 -4.65
N TYR B 30 -21.76 -16.95 -5.35
CA TYR B 30 -22.14 -18.23 -5.92
C TYR B 30 -21.59 -18.43 -7.33
N LEU B 31 -21.00 -17.40 -7.94
CA LEU B 31 -20.23 -17.60 -9.16
C LEU B 31 -18.80 -18.01 -8.85
N ALA B 32 -18.22 -17.43 -7.81
CA ALA B 32 -16.86 -17.75 -7.36
C ALA B 32 -16.79 -17.54 -5.86
N GLU B 33 -15.96 -18.34 -5.20
CA GLU B 33 -15.90 -18.29 -3.76
C GLU B 33 -15.30 -16.95 -3.30
N PRO B 34 -15.65 -16.47 -2.10
CA PRO B 34 -15.23 -15.11 -1.71
C PRO B 34 -13.75 -14.95 -1.44
N TRP B 35 -12.94 -16.01 -1.47
CA TRP B 35 -11.53 -15.84 -1.10
C TRP B 35 -10.77 -15.06 -2.18
N GLN B 36 -10.94 -15.44 -3.45
CA GLN B 36 -10.33 -14.68 -4.53
C GLN B 36 -11.04 -13.35 -4.74
N PHE B 37 -12.29 -13.25 -4.33
CA PHE B 37 -13.01 -11.97 -4.34
C PHE B 37 -12.31 -10.95 -3.43
N SER B 38 -12.10 -11.32 -2.16
CA SER B 38 -11.38 -10.45 -1.25
C SER B 38 -9.93 -10.26 -1.69
N MET B 39 -9.34 -11.28 -2.33
CA MET B 39 -8.01 -11.12 -2.90
C MET B 39 -7.99 -10.00 -3.93
N LEU B 40 -8.99 -9.97 -4.82
CA LEU B 40 -9.06 -8.92 -5.82
C LEU B 40 -9.27 -7.56 -5.19
N ALA B 41 -10.08 -7.48 -4.13
CA ALA B 41 -10.28 -6.21 -3.44
C ALA B 41 -8.96 -5.68 -2.86
N ALA B 42 -8.23 -6.56 -2.17
CA ALA B 42 -6.93 -6.17 -1.63
C ALA B 42 -5.95 -5.80 -2.73
N TYR B 43 -6.00 -6.54 -3.84
CA TYR B 43 -5.15 -6.26 -4.99
C TYR B 43 -5.51 -4.96 -5.68
N MET B 44 -6.72 -4.43 -5.45
CA MET B 44 -7.08 -3.11 -5.96
C MET B 44 -6.55 -2.00 -5.05
N PHE B 45 -6.73 -2.17 -3.73
CA PHE B 45 -6.22 -1.15 -2.82
C PHE B 45 -4.69 -1.07 -2.86
N LEU B 46 -4.06 -2.20 -3.17
CA LEU B 46 -2.63 -2.27 -3.53
C LEU B 46 -2.25 -1.15 -4.49
N LEU B 47 -2.89 -1.13 -5.66
CA LEU B 47 -2.53 -0.14 -6.67
C LEU B 47 -3.00 1.26 -6.29
N ILE B 48 -4.09 1.36 -5.52
CA ILE B 48 -4.57 2.68 -5.09
C ILE B 48 -3.50 3.38 -4.26
N MET B 49 -3.03 2.71 -3.21
CA MET B 49 -1.98 3.32 -2.38
C MET B 49 -0.69 3.49 -3.18
N LEU B 50 -0.29 2.47 -3.96
CA LEU B 50 0.97 2.59 -4.67
C LEU B 50 0.92 3.68 -5.76
N GLY B 51 -0.26 4.13 -6.15
CA GLY B 51 -0.40 5.25 -7.05
C GLY B 51 -0.34 6.61 -6.37
N PHE B 52 -1.19 6.83 -5.34
CA PHE B 52 -1.53 8.19 -4.91
C PHE B 52 -0.33 9.07 -4.53
N PRO B 53 0.48 8.73 -3.53
CA PRO B 53 1.45 9.71 -3.04
C PRO B 53 2.60 9.95 -3.99
N ILE B 54 3.09 8.92 -4.67
CA ILE B 54 4.15 9.13 -5.67
C ILE B 54 3.64 10.02 -6.79
N ASN B 55 2.35 9.90 -7.11
CA ASN B 55 1.74 10.74 -8.14
C ASN B 55 1.75 12.20 -7.71
N PHE B 56 1.27 12.48 -6.49
CA PHE B 56 1.26 13.85 -6.00
C PHE B 56 2.67 14.41 -5.89
N LEU B 57 3.63 13.57 -5.48
CA LEU B 57 5.01 14.01 -5.35
C LEU B 57 5.58 14.40 -6.71
N THR B 58 5.37 13.56 -7.73
CA THR B 58 5.91 13.86 -9.05
C THR B 58 5.26 15.11 -9.63
N LEU B 59 3.95 15.28 -9.37
CA LEU B 59 3.27 16.51 -9.77
C LEU B 59 3.96 17.74 -9.18
N TYR B 60 4.14 17.75 -7.85
CA TYR B 60 4.72 18.94 -7.23
C TYR B 60 6.17 19.14 -7.62
N VAL B 61 6.89 18.04 -7.88
CA VAL B 61 8.29 18.14 -8.33
C VAL B 61 8.34 18.89 -9.65
N THR B 62 7.61 18.39 -10.66
CA THR B 62 7.65 19.06 -11.96
C THR B 62 7.01 20.44 -11.91
N VAL B 63 6.13 20.69 -10.95
CA VAL B 63 5.58 22.04 -10.78
C VAL B 63 6.68 22.99 -10.31
N GLN B 64 7.52 22.55 -9.37
CA GLN B 64 8.54 23.43 -8.84
C GLN B 64 9.71 23.61 -9.81
N HIS B 65 10.08 22.55 -10.53
CA HIS B 65 11.35 22.52 -11.25
C HIS B 65 11.19 23.17 -12.62
N LYS B 66 11.64 24.42 -12.72
CA LYS B 66 11.76 25.13 -13.99
C LYS B 66 13.18 25.02 -14.53
N LYS B 67 13.64 23.79 -14.67
CA LYS B 67 14.95 23.44 -15.23
C LYS B 67 14.83 22.45 -16.37
N LEU B 68 13.84 21.55 -16.32
CA LEU B 68 13.62 20.51 -17.33
C LEU B 68 12.32 20.81 -18.05
N ARG B 69 12.45 21.47 -19.19
CA ARG B 69 11.37 21.66 -20.14
C ARG B 69 11.59 20.88 -21.42
N THR B 70 12.42 19.84 -21.38
CA THR B 70 12.40 18.85 -22.44
C THR B 70 11.02 18.19 -22.43
N PRO B 71 10.38 17.97 -23.60
CA PRO B 71 8.96 17.59 -23.57
C PRO B 71 8.60 16.30 -22.84
N LEU B 72 9.53 15.36 -22.63
CA LEU B 72 9.17 14.15 -21.88
C LEU B 72 8.70 14.48 -20.47
N ASN B 73 9.22 15.57 -19.90
CA ASN B 73 8.70 16.06 -18.63
C ASN B 73 7.23 16.41 -18.76
N TYR B 74 6.86 17.15 -19.82
CA TYR B 74 5.45 17.48 -20.06
C TYR B 74 4.62 16.21 -20.24
N ILE B 75 5.17 15.22 -20.95
CA ILE B 75 4.41 14.01 -21.25
C ILE B 75 4.07 13.26 -19.98
N LEU B 76 5.08 12.99 -19.15
CA LEU B 76 4.83 12.27 -17.91
C LEU B 76 4.26 13.16 -16.80
N LEU B 77 4.13 14.48 -17.04
CA LEU B 77 3.33 15.32 -16.16
C LEU B 77 1.85 15.18 -16.47
N ASN B 78 1.48 15.26 -17.74
CA ASN B 78 0.06 15.15 -18.09
C ASN B 78 -0.43 13.71 -18.09
N LEU B 79 0.46 12.72 -18.26
CA LEU B 79 0.09 11.35 -17.94
C LEU B 79 -0.25 11.22 -16.46
N ALA B 80 0.55 11.86 -15.61
CA ALA B 80 0.25 11.86 -14.19
C ALA B 80 -1.07 12.57 -13.90
N VAL B 81 -1.39 13.61 -14.67
CA VAL B 81 -2.69 14.28 -14.52
C VAL B 81 -3.82 13.31 -14.82
N ALA B 82 -3.74 12.64 -15.97
CA ALA B 82 -4.74 11.64 -16.33
C ALA B 82 -4.82 10.54 -15.28
N ASP B 83 -3.70 10.20 -14.66
CA ASP B 83 -3.72 9.16 -13.63
C ASP B 83 -4.32 9.68 -12.32
N LEU B 84 -4.22 10.97 -12.02
CA LEU B 84 -4.98 11.53 -10.91
C LEU B 84 -6.47 11.38 -11.15
N PHE B 85 -6.92 11.76 -12.35
CA PHE B 85 -8.34 11.59 -12.68
C PHE B 85 -8.73 10.12 -12.62
N MET B 86 -7.83 9.22 -13.03
CA MET B 86 -8.10 7.79 -12.97
C MET B 86 -8.29 7.33 -11.52
N VAL B 87 -7.32 7.61 -10.65
CA VAL B 87 -7.39 7.09 -9.29
C VAL B 87 -8.52 7.74 -8.51
N PHE B 88 -8.95 8.94 -8.89
CA PHE B 88 -10.13 9.52 -8.24
C PHE B 88 -11.40 8.84 -8.73
N GLY B 89 -11.68 8.96 -10.03
CA GLY B 89 -12.92 8.45 -10.60
C GLY B 89 -12.89 7.01 -11.03
N GLY B 90 -11.87 6.24 -10.65
CA GLY B 90 -11.70 4.86 -11.08
C GLY B 90 -11.86 3.84 -9.97
N PHE B 91 -10.71 3.41 -9.40
CA PHE B 91 -10.66 2.23 -8.55
C PHE B 91 -11.54 2.33 -7.29
N THR B 92 -11.98 3.53 -6.90
CA THR B 92 -12.76 3.64 -5.67
C THR B 92 -14.12 2.94 -5.80
N THR B 93 -14.81 3.10 -6.94
CA THR B 93 -16.09 2.42 -7.10
C THR B 93 -15.88 0.93 -7.33
N THR B 94 -14.77 0.54 -7.95
CA THR B 94 -14.45 -0.87 -8.08
C THR B 94 -14.20 -1.50 -6.71
N LEU B 95 -13.53 -0.76 -5.82
CA LEU B 95 -13.30 -1.28 -4.48
C LEU B 95 -14.60 -1.31 -3.67
N TYR B 96 -15.51 -0.37 -3.90
CA TYR B 96 -16.82 -0.46 -3.26
C TYR B 96 -17.61 -1.65 -3.79
N THR B 97 -17.49 -1.93 -5.09
CA THR B 97 -18.12 -3.12 -5.65
C THR B 97 -17.55 -4.39 -5.04
N SER B 98 -16.23 -4.44 -4.89
CA SER B 98 -15.61 -5.60 -4.24
C SER B 98 -15.86 -5.63 -2.73
N LEU B 99 -16.26 -4.49 -2.15
CA LEU B 99 -16.65 -4.47 -0.75
C LEU B 99 -18.02 -5.10 -0.55
N HIS B 100 -19.00 -4.73 -1.39
CA HIS B 100 -20.37 -5.21 -1.26
C HIS B 100 -20.78 -6.25 -2.28
N GLY B 101 -20.00 -6.46 -3.34
CA GLY B 101 -20.33 -7.42 -4.37
C GLY B 101 -21.19 -6.89 -5.50
N TYR B 102 -21.43 -5.58 -5.54
CA TYR B 102 -22.31 -5.00 -6.55
C TYR B 102 -22.28 -3.49 -6.43
N PHE B 103 -22.57 -2.81 -7.55
CA PHE B 103 -22.73 -1.37 -7.54
C PHE B 103 -24.04 -1.01 -6.85
N VAL B 104 -23.96 -0.37 -5.68
CA VAL B 104 -25.18 0.16 -5.08
C VAL B 104 -25.75 1.28 -5.95
N PHE B 105 -24.90 1.99 -6.69
CA PHE B 105 -25.36 2.94 -7.69
C PHE B 105 -26.15 2.27 -8.81
N GLY B 106 -25.92 0.98 -9.05
CA GLY B 106 -26.55 0.29 -10.15
C GLY B 106 -25.72 0.44 -11.41
N PRO B 107 -26.36 0.53 -12.59
CA PRO B 107 -25.56 0.76 -13.80
C PRO B 107 -24.92 2.14 -13.85
N THR B 108 -25.34 3.08 -13.00
CA THR B 108 -24.66 4.37 -12.91
C THR B 108 -23.22 4.19 -12.47
N GLY B 109 -22.98 3.38 -11.45
CA GLY B 109 -21.62 3.15 -11.00
C GLY B 109 -20.81 2.37 -12.02
N CYS B 110 -21.43 1.39 -12.68
CA CYS B 110 -20.74 0.66 -13.73
C CYS B 110 -20.37 1.57 -14.88
N ASN B 111 -21.20 2.57 -15.18
CA ASN B 111 -20.86 3.52 -16.23
C ASN B 111 -19.75 4.46 -15.76
N LEU B 112 -19.73 4.78 -14.47
CA LEU B 112 -18.63 5.58 -13.93
C LEU B 112 -17.31 4.80 -13.96
N GLU B 113 -17.37 3.48 -13.87
CA GLU B 113 -16.15 2.67 -13.78
C GLU B 113 -15.32 2.78 -15.05
N GLY B 114 -15.91 2.44 -16.19
CA GLY B 114 -15.19 2.47 -17.45
C GLY B 114 -14.98 3.86 -18.04
N PHE B 115 -15.48 4.91 -17.39
CA PHE B 115 -15.30 6.26 -17.91
C PHE B 115 -13.84 6.71 -17.90
N PHE B 116 -12.99 6.07 -17.08
CA PHE B 116 -11.57 6.39 -17.00
C PHE B 116 -10.64 5.21 -17.27
N ALA B 117 -11.15 3.98 -17.29
CA ALA B 117 -10.27 2.83 -17.48
C ALA B 117 -9.71 2.79 -18.89
N THR B 118 -10.58 2.67 -19.89
CA THR B 118 -10.12 2.66 -21.27
C THR B 118 -9.55 4.01 -21.68
N LEU B 119 -10.00 5.10 -21.04
CA LEU B 119 -9.42 6.41 -21.32
C LEU B 119 -7.96 6.45 -20.89
N GLY B 120 -7.69 6.04 -19.66
CA GLY B 120 -6.31 6.02 -19.18
C GLY B 120 -5.44 5.07 -19.96
N GLY B 121 -5.99 3.90 -20.33
CA GLY B 121 -5.24 2.98 -21.17
C GLY B 121 -4.93 3.57 -22.53
N GLU B 122 -5.89 4.30 -23.10
CA GLU B 122 -5.69 4.92 -24.40
C GLU B 122 -4.59 5.97 -24.32
N ILE B 123 -4.61 6.81 -23.27
CA ILE B 123 -3.58 7.83 -23.13
C ILE B 123 -2.22 7.16 -22.94
N ALA B 124 -2.16 6.14 -22.08
CA ALA B 124 -0.89 5.49 -21.78
C ALA B 124 -0.33 4.77 -23.01
N LEU B 125 -1.19 4.29 -23.90
CA LEU B 125 -0.71 3.60 -25.10
C LEU B 125 -0.32 4.58 -26.18
N TRP B 126 -1.21 5.52 -26.53
CA TRP B 126 -0.93 6.43 -27.64
C TRP B 126 0.11 7.48 -27.29
N SER B 127 0.31 7.78 -26.01
CA SER B 127 1.31 8.79 -25.64
C SER B 127 2.72 8.31 -25.95
N LEU B 128 2.96 6.99 -25.88
CA LEU B 128 4.28 6.45 -26.18
C LEU B 128 4.64 6.52 -27.66
N VAL B 129 3.65 6.78 -28.53
CA VAL B 129 3.94 6.98 -29.96
C VAL B 129 4.57 8.34 -30.18
N VAL B 130 4.10 9.35 -29.43
CA VAL B 130 4.53 10.73 -29.65
C VAL B 130 6.02 10.87 -29.34
N LEU B 131 6.50 10.13 -28.34
CA LEU B 131 7.92 10.11 -28.03
C LEU B 131 8.69 9.17 -28.97
N ALA B 132 8.04 8.10 -29.44
CA ALA B 132 8.70 7.17 -30.35
C ALA B 132 9.13 7.87 -31.64
N ILE B 133 8.22 8.65 -32.23
CA ILE B 133 8.56 9.38 -33.45
C ILE B 133 9.68 10.38 -33.16
N GLU B 134 9.67 10.97 -31.97
CA GLU B 134 10.73 11.91 -31.58
C GLU B 134 12.09 11.22 -31.55
N ARG B 135 12.18 10.05 -30.89
CA ARG B 135 13.43 9.32 -30.84
C ARG B 135 13.88 8.94 -32.24
N TYR B 136 12.95 8.56 -33.10
CA TYR B 136 13.31 8.22 -34.47
C TYR B 136 13.89 9.44 -35.20
N VAL B 137 13.33 10.62 -34.95
CA VAL B 137 13.87 11.84 -35.56
C VAL B 137 15.28 12.09 -35.08
N VAL B 138 15.51 12.02 -33.77
CA VAL B 138 16.85 12.30 -33.26
C VAL B 138 17.85 11.24 -33.67
N VAL B 139 17.40 10.04 -34.07
CA VAL B 139 18.32 9.00 -34.53
C VAL B 139 18.62 9.12 -36.02
N CYS B 140 17.60 9.39 -36.87
CA CYS B 140 17.79 9.36 -38.31
C CYS B 140 18.15 10.71 -38.91
N LYS B 141 17.75 11.80 -38.28
CA LYS B 141 18.19 13.15 -38.65
C LYS B 141 17.69 13.58 -40.03
N PRO B 142 16.39 13.76 -40.23
CA PRO B 142 15.94 14.35 -41.51
C PRO B 142 16.23 15.84 -41.56
N MET B 143 16.13 16.51 -40.41
CA MET B 143 16.45 17.93 -40.24
C MET B 143 17.74 18.05 -39.45
N SER B 144 18.22 19.30 -39.34
CA SER B 144 19.45 19.63 -38.65
C SER B 144 19.24 20.50 -37.42
N ASN B 145 18.34 21.48 -37.50
CA ASN B 145 18.08 22.44 -36.42
C ASN B 145 16.80 22.12 -35.66
N PHE B 146 16.22 20.93 -35.87
CA PHE B 146 14.91 20.64 -35.30
C PHE B 146 15.02 20.19 -33.85
N ARG B 147 14.02 20.56 -33.06
CA ARG B 147 13.87 20.11 -31.70
C ARG B 147 12.43 20.39 -31.29
N PHE B 148 12.00 19.74 -30.21
CA PHE B 148 10.61 19.78 -29.77
C PHE B 148 10.47 20.73 -28.59
N GLY B 149 9.53 21.68 -28.71
CA GLY B 149 9.28 22.69 -27.69
C GLY B 149 7.81 22.99 -27.49
N GLU B 150 7.47 24.27 -27.30
CA GLU B 150 6.09 24.66 -27.00
C GLU B 150 5.18 24.67 -28.22
N ASN B 151 5.71 24.40 -29.42
CA ASN B 151 4.91 24.35 -30.64
C ASN B 151 5.16 23.07 -31.44
N HIS B 152 5.80 22.05 -30.86
CA HIS B 152 5.94 20.73 -31.45
C HIS B 152 5.51 19.60 -30.54
N ALA B 153 5.39 19.83 -29.22
CA ALA B 153 5.15 18.79 -28.23
C ALA B 153 3.71 18.80 -27.72
N ILE B 154 3.19 19.95 -27.31
CA ILE B 154 1.83 20.03 -26.79
C ILE B 154 0.80 19.66 -27.85
N MET B 155 1.15 19.80 -29.14
CA MET B 155 0.25 19.34 -30.18
C MET B 155 0.03 17.82 -30.10
N GLY B 156 1.08 17.06 -29.78
CA GLY B 156 0.91 15.63 -29.62
C GLY B 156 0.11 15.26 -28.39
N VAL B 157 0.25 16.05 -27.32
CA VAL B 157 -0.56 15.79 -26.13
C VAL B 157 -2.02 16.10 -26.43
N ALA B 158 -2.26 17.13 -27.24
CA ALA B 158 -3.61 17.43 -27.67
C ALA B 158 -4.16 16.35 -28.59
N PHE B 159 -3.29 15.73 -29.40
CA PHE B 159 -3.69 14.57 -30.19
C PHE B 159 -4.18 13.45 -29.29
N THR B 160 -3.37 13.09 -28.28
CA THR B 160 -3.74 12.02 -27.37
C THR B 160 -5.00 12.37 -26.61
N TRP B 161 -5.18 13.64 -26.26
CA TRP B 161 -6.37 14.04 -25.52
C TRP B 161 -7.62 13.99 -26.39
N VAL B 162 -7.55 14.48 -27.62
CA VAL B 162 -8.73 14.50 -28.47
C VAL B 162 -9.11 13.10 -28.92
N MET B 163 -8.15 12.16 -28.99
CA MET B 163 -8.54 10.76 -29.15
C MET B 163 -9.02 10.14 -27.84
N ALA B 164 -8.55 10.64 -26.69
CA ALA B 164 -9.02 10.13 -25.41
C ALA B 164 -10.48 10.47 -25.19
N LEU B 165 -10.90 11.67 -25.58
CA LEU B 165 -12.29 12.09 -25.50
C LEU B 165 -13.05 11.83 -26.80
N ALA B 166 -12.54 10.91 -27.65
CA ALA B 166 -13.27 10.37 -28.77
C ALA B 166 -13.29 8.84 -28.79
N CYS B 167 -12.47 8.18 -27.99
CA CYS B 167 -12.44 6.72 -27.88
C CYS B 167 -13.07 6.20 -26.60
N ALA B 168 -13.11 7.01 -25.53
CA ALA B 168 -13.65 6.60 -24.23
C ALA B 168 -15.13 6.97 -24.07
N ALA B 169 -15.53 8.12 -24.60
CA ALA B 169 -16.90 8.61 -24.59
C ALA B 169 -17.95 7.86 -25.43
N PRO B 170 -17.65 7.34 -26.63
CA PRO B 170 -18.73 6.84 -27.53
C PRO B 170 -19.58 5.72 -26.93
N PRO B 171 -19.06 4.81 -26.10
CA PRO B 171 -19.98 3.86 -25.44
C PRO B 171 -20.99 4.51 -24.51
N LEU B 172 -20.74 5.75 -24.06
CA LEU B 172 -21.64 6.40 -23.13
C LEU B 172 -22.98 6.73 -23.76
N VAL B 173 -23.01 7.00 -25.07
CA VAL B 173 -24.22 7.48 -25.72
C VAL B 173 -25.08 6.35 -26.32
N GLY B 174 -24.51 5.16 -26.54
CA GLY B 174 -25.25 4.02 -27.04
C GLY B 174 -24.64 3.31 -28.24
N TRP B 175 -23.54 3.84 -28.80
CA TRP B 175 -22.81 3.10 -29.83
C TRP B 175 -22.13 1.87 -29.25
N SER B 176 -21.89 1.87 -27.95
CA SER B 176 -21.50 0.69 -27.20
C SER B 176 -22.08 0.85 -25.80
N ARG B 177 -21.61 0.03 -24.87
CA ARG B 177 -22.17 0.02 -23.52
C ARG B 177 -21.10 -0.52 -22.58
N TYR B 178 -21.47 -0.63 -21.30
CA TYR B 178 -20.61 -1.20 -20.27
C TYR B 178 -21.33 -2.35 -19.60
N ILE B 179 -20.58 -3.43 -19.36
CA ILE B 179 -21.11 -4.71 -18.92
C ILE B 179 -20.06 -5.30 -17.99
N PRO B 180 -20.41 -5.91 -16.84
CA PRO B 180 -19.36 -6.36 -15.92
C PRO B 180 -18.69 -7.65 -16.41
N GLU B 181 -17.36 -7.64 -16.45
CA GLU B 181 -16.53 -8.78 -16.83
C GLU B 181 -15.69 -9.24 -15.63
N GLY B 182 -14.85 -10.25 -15.88
CA GLY B 182 -14.00 -10.82 -14.85
C GLY B 182 -14.74 -11.80 -13.98
N MET B 183 -14.91 -11.46 -12.70
CA MET B 183 -15.88 -12.08 -11.83
C MET B 183 -17.19 -11.29 -11.81
N GLN B 184 -17.51 -10.64 -12.93
CA GLN B 184 -18.59 -9.66 -13.00
C GLN B 184 -18.39 -8.56 -11.96
N CYS B 185 -17.14 -8.07 -11.88
CA CYS B 185 -16.75 -7.01 -10.95
C CYS B 185 -15.89 -5.95 -11.64
N SER B 186 -15.93 -5.87 -12.96
CA SER B 186 -15.15 -4.87 -13.70
C SER B 186 -15.86 -4.61 -15.02
N CYS B 187 -16.32 -3.38 -15.21
CA CYS B 187 -17.13 -3.03 -16.37
C CYS B 187 -16.22 -2.63 -17.53
N GLY B 188 -16.38 -3.31 -18.66
CA GLY B 188 -15.63 -3.04 -19.87
C GLY B 188 -16.50 -3.12 -21.11
N ILE B 189 -16.05 -3.84 -22.12
CA ILE B 189 -16.74 -3.96 -23.40
C ILE B 189 -17.08 -5.44 -23.62
N ASP B 190 -18.22 -5.67 -24.25
CA ASP B 190 -18.72 -7.03 -24.44
C ASP B 190 -17.95 -7.77 -25.52
N TYR B 191 -17.65 -9.04 -25.25
CA TYR B 191 -17.26 -9.99 -26.27
C TYR B 191 -18.13 -11.25 -26.26
N TYR B 192 -19.16 -11.30 -25.42
CA TYR B 192 -19.98 -12.50 -25.25
C TYR B 192 -21.13 -12.59 -26.25
N THR B 193 -21.53 -11.46 -26.84
CA THR B 193 -22.74 -11.39 -27.65
C THR B 193 -22.55 -10.35 -28.74
N PRO B 194 -23.16 -10.53 -29.94
CA PRO B 194 -23.16 -9.41 -30.90
C PRO B 194 -23.90 -8.19 -30.40
N HIS B 195 -25.17 -8.35 -30.01
CA HIS B 195 -26.01 -7.27 -29.49
C HIS B 195 -26.08 -6.10 -30.48
N GLU B 196 -26.71 -6.37 -31.62
CA GLU B 196 -26.82 -5.39 -32.68
C GLU B 196 -27.66 -4.17 -32.32
N GLU B 197 -28.40 -4.20 -31.20
CA GLU B 197 -29.25 -3.06 -30.84
C GLU B 197 -28.40 -1.82 -30.54
N THR B 198 -27.37 -1.96 -29.72
CA THR B 198 -26.45 -0.86 -29.40
C THR B 198 -25.26 -0.79 -30.36
N ASN B 199 -25.22 -1.62 -31.40
CA ASN B 199 -24.19 -1.57 -32.44
C ASN B 199 -22.79 -1.80 -31.84
N ASN B 200 -22.60 -3.00 -31.27
CA ASN B 200 -21.32 -3.35 -30.65
C ASN B 200 -20.33 -3.98 -31.62
N GLU B 201 -20.82 -4.81 -32.55
CA GLU B 201 -19.92 -5.55 -33.43
C GLU B 201 -19.08 -4.59 -34.29
N SER B 202 -19.75 -3.68 -35.00
CA SER B 202 -19.04 -2.63 -35.72
C SER B 202 -18.20 -1.79 -34.79
N PHE B 203 -18.68 -1.55 -33.56
CA PHE B 203 -17.90 -0.78 -32.60
C PHE B 203 -16.65 -1.53 -32.18
N VAL B 204 -16.75 -2.83 -31.94
CA VAL B 204 -15.60 -3.60 -31.49
C VAL B 204 -14.56 -3.67 -32.61
N ILE B 205 -15.01 -3.85 -33.85
CA ILE B 205 -14.07 -3.85 -34.98
C ILE B 205 -13.42 -2.47 -35.12
N TYR B 206 -14.24 -1.41 -35.04
CA TYR B 206 -13.73 -0.05 -35.16
C TYR B 206 -12.73 0.28 -34.07
N MET B 207 -12.91 -0.29 -32.88
CA MET B 207 -11.93 -0.08 -31.80
C MET B 207 -10.65 -0.83 -32.08
N PHE B 208 -10.75 -2.14 -32.39
CA PHE B 208 -9.54 -2.95 -32.53
C PHE B 208 -8.72 -2.53 -33.75
N VAL B 209 -9.34 -2.38 -34.91
CA VAL B 209 -8.56 -2.14 -36.12
C VAL B 209 -7.94 -0.75 -36.11
N VAL B 210 -8.47 0.18 -35.32
CA VAL B 210 -7.92 1.54 -35.25
C VAL B 210 -6.86 1.66 -34.16
N HIS B 211 -7.20 1.23 -32.94
CA HIS B 211 -6.42 1.62 -31.76
C HIS B 211 -5.39 0.59 -31.34
N PHE B 212 -5.54 -0.68 -31.71
CA PHE B 212 -4.71 -1.75 -31.15
C PHE B 212 -3.49 -2.05 -32.02
N ILE B 213 -3.72 -2.49 -33.26
CA ILE B 213 -2.62 -3.04 -34.07
C ILE B 213 -1.90 -1.96 -34.87
N ILE B 214 -2.57 -0.87 -35.25
CA ILE B 214 -1.95 0.13 -36.13
C ILE B 214 -0.90 0.95 -35.35
N PRO B 215 -1.22 1.57 -34.21
CA PRO B 215 -0.14 2.24 -33.48
C PRO B 215 0.90 1.26 -32.98
N LEU B 216 0.48 0.03 -32.68
CA LEU B 216 1.41 -1.02 -32.30
C LEU B 216 2.44 -1.28 -33.39
N ILE B 217 2.01 -1.37 -34.65
CA ILE B 217 2.95 -1.69 -35.71
C ILE B 217 3.76 -0.46 -36.11
N VAL B 218 3.20 0.75 -35.97
CA VAL B 218 4.03 1.94 -36.14
C VAL B 218 5.12 1.97 -35.09
N ILE B 219 4.81 1.54 -33.87
CA ILE B 219 5.83 1.47 -32.82
C ILE B 219 6.86 0.39 -33.14
N PHE B 220 6.40 -0.75 -33.65
CA PHE B 220 7.33 -1.85 -33.94
C PHE B 220 8.26 -1.52 -35.10
N PHE B 221 7.78 -0.78 -36.10
CA PHE B 221 8.62 -0.39 -37.22
C PHE B 221 9.43 0.88 -36.95
N CYS B 222 9.02 1.72 -35.99
CA CYS B 222 9.96 2.66 -35.41
C CYS B 222 11.07 1.89 -34.70
N TYR B 223 10.70 0.81 -34.00
CA TYR B 223 11.70 -0.11 -33.47
C TYR B 223 12.32 -0.94 -34.58
N GLY B 224 11.59 -1.17 -35.66
CA GLY B 224 12.17 -1.71 -36.88
C GLY B 224 13.10 -0.76 -37.61
N GLN B 225 13.13 0.52 -37.22
CA GLN B 225 14.08 1.50 -37.73
C GLN B 225 14.94 2.08 -36.60
N LEU B 226 15.12 1.33 -35.51
CA LEU B 226 15.89 1.77 -34.34
C LEU B 226 16.75 0.62 -33.80
N VAL B 227 17.40 -0.12 -34.71
CA VAL B 227 18.36 -1.16 -34.35
C VAL B 227 19.64 -1.08 -35.16
N PHE B 228 19.72 -0.12 -36.10
CA PHE B 228 20.86 -0.03 -37.02
C PHE B 228 21.94 0.91 -36.49
N THR B 229 21.59 2.17 -36.24
CA THR B 229 22.61 3.19 -35.98
C THR B 229 23.07 3.16 -34.52
N VAL B 230 22.16 3.45 -33.58
CA VAL B 230 22.48 3.36 -32.17
C VAL B 230 22.30 1.92 -31.73
N LYS B 231 23.20 1.45 -30.87
CA LYS B 231 23.34 0.03 -30.58
C LYS B 231 22.81 -0.27 -29.19
N GLU B 232 22.03 -1.35 -29.07
CA GLU B 232 21.57 -1.80 -27.76
C GLU B 232 22.68 -2.44 -26.93
N ALA B 233 23.75 -2.90 -27.57
CA ALA B 233 24.91 -3.44 -26.86
C ALA B 233 25.70 -2.29 -26.27
N ALA B 234 25.31 -1.86 -25.07
CA ALA B 234 25.87 -0.69 -24.44
C ALA B 234 27.13 -1.04 -23.67
N ALA B 235 28.14 -0.19 -23.78
CA ALA B 235 29.39 -0.31 -23.02
C ALA B 235 29.58 0.87 -22.06
N GLN B 236 29.55 2.10 -22.58
CA GLN B 236 29.76 3.29 -21.76
C GLN B 236 29.37 4.50 -22.61
N GLN B 237 29.59 5.70 -22.06
CA GLN B 237 29.11 6.92 -22.67
C GLN B 237 29.92 7.26 -23.93
N GLN B 238 29.52 8.34 -24.59
CA GLN B 238 30.18 8.89 -25.76
C GLN B 238 30.23 7.88 -26.92
N GLU B 239 29.04 7.59 -27.43
CA GLU B 239 28.93 6.97 -28.76
C GLU B 239 29.08 8.04 -29.83
N SER B 240 28.25 9.07 -29.79
CA SER B 240 28.38 10.26 -30.61
C SER B 240 28.50 11.54 -29.79
N ALA B 241 27.62 11.74 -28.81
CA ALA B 241 27.58 12.98 -28.04
C ALA B 241 26.93 12.72 -26.70
N THR B 242 26.96 13.75 -25.84
CA THR B 242 26.41 13.63 -24.49
C THR B 242 24.90 13.79 -24.50
N THR B 243 24.38 14.75 -25.26
CA THR B 243 22.93 14.81 -25.45
C THR B 243 22.45 13.58 -26.22
N GLN B 244 23.29 13.06 -27.12
CA GLN B 244 22.97 11.78 -27.75
C GLN B 244 23.12 10.62 -26.77
N LYS B 245 23.94 10.77 -25.74
CA LYS B 245 23.96 9.77 -24.69
C LYS B 245 22.65 9.79 -23.90
N ALA B 246 22.11 10.98 -23.67
CA ALA B 246 20.77 11.06 -23.08
C ALA B 246 19.73 10.43 -24.01
N GLU B 247 19.90 10.61 -25.32
CA GLU B 247 19.03 9.95 -26.30
C GLU B 247 19.10 8.44 -26.16
N LYS B 248 20.31 7.91 -26.03
CA LYS B 248 20.50 6.46 -25.85
C LYS B 248 19.86 5.99 -24.56
N GLU B 249 19.97 6.80 -23.51
CA GLU B 249 19.34 6.50 -22.22
C GLU B 249 17.83 6.35 -22.38
N VAL B 250 17.18 7.38 -22.96
CA VAL B 250 15.74 7.34 -23.15
C VAL B 250 15.36 6.24 -24.14
N THR B 251 16.26 5.91 -25.06
CA THR B 251 15.98 4.85 -26.03
C THR B 251 15.84 3.50 -25.35
N ARG B 252 16.86 3.12 -24.55
CA ARG B 252 16.78 1.86 -23.84
C ARG B 252 15.62 1.86 -22.85
N MET B 253 15.36 3.03 -22.23
CA MET B 253 14.23 3.14 -21.31
C MET B 253 12.91 2.86 -22.00
N VAL B 254 12.69 3.47 -23.17
CA VAL B 254 11.40 3.28 -23.85
C VAL B 254 11.32 1.89 -24.46
N ILE B 255 12.45 1.27 -24.80
CA ILE B 255 12.41 -0.11 -25.28
C ILE B 255 11.87 -1.03 -24.19
N ILE B 256 12.46 -0.95 -23.00
CA ILE B 256 11.98 -1.76 -21.88
C ILE B 256 10.55 -1.36 -21.52
N MET B 257 10.20 -0.08 -21.71
CA MET B 257 8.86 0.39 -21.39
C MET B 257 7.80 -0.27 -22.26
N VAL B 258 7.98 -0.20 -23.59
CA VAL B 258 7.00 -0.79 -24.48
C VAL B 258 7.03 -2.32 -24.38
N ILE B 259 8.18 -2.90 -24.02
CA ILE B 259 8.20 -4.35 -23.84
C ILE B 259 7.38 -4.75 -22.61
N ALA B 260 7.46 -3.98 -21.54
CA ALA B 260 6.63 -4.23 -20.37
C ALA B 260 5.15 -4.03 -20.70
N PHE B 261 4.84 -2.99 -21.49
CA PHE B 261 3.46 -2.79 -21.90
C PHE B 261 2.96 -3.94 -22.77
N LEU B 262 3.83 -4.50 -23.60
CA LEU B 262 3.46 -5.67 -24.39
C LEU B 262 3.12 -6.85 -23.48
N ILE B 263 4.03 -7.14 -22.54
CA ILE B 263 3.83 -8.25 -21.61
C ILE B 263 2.55 -8.07 -20.80
N CYS B 264 2.17 -6.82 -20.52
CA CYS B 264 0.94 -6.58 -19.77
C CYS B 264 -0.30 -6.74 -20.65
N TRP B 265 -0.32 -6.06 -21.80
CA TRP B 265 -1.55 -5.87 -22.57
C TRP B 265 -1.81 -6.96 -23.60
N LEU B 266 -0.88 -7.90 -23.84
CA LEU B 266 -1.11 -8.93 -24.83
C LEU B 266 -2.32 -9.79 -24.52
N PRO B 267 -2.38 -10.53 -23.39
CA PRO B 267 -3.49 -11.46 -23.20
C PRO B 267 -4.81 -10.77 -22.90
N TYR B 268 -4.77 -9.48 -22.50
CA TYR B 268 -5.96 -8.72 -22.13
C TYR B 268 -7.03 -8.79 -23.22
N ALA B 269 -6.64 -8.59 -24.47
CA ALA B 269 -7.50 -8.82 -25.63
C ALA B 269 -7.14 -10.09 -26.39
N GLY B 270 -6.01 -10.73 -26.08
CA GLY B 270 -5.76 -12.05 -26.62
C GLY B 270 -6.83 -13.05 -26.24
N VAL B 271 -7.39 -12.91 -25.04
CA VAL B 271 -8.53 -13.74 -24.64
C VAL B 271 -9.84 -13.19 -25.22
N ALA B 272 -9.93 -11.87 -25.40
CA ALA B 272 -11.16 -11.30 -25.97
C ALA B 272 -11.38 -11.78 -27.40
N PHE B 273 -10.29 -12.03 -28.13
CA PHE B 273 -10.40 -12.69 -29.43
C PHE B 273 -11.14 -14.02 -29.31
N TYR B 274 -10.67 -14.90 -28.41
CA TYR B 274 -11.28 -16.22 -28.26
C TYR B 274 -12.73 -16.11 -27.80
N ILE B 275 -13.05 -15.09 -27.00
CA ILE B 275 -14.41 -14.94 -26.51
C ILE B 275 -15.32 -14.40 -27.61
N PHE B 276 -14.80 -13.49 -28.45
CA PHE B 276 -15.60 -12.84 -29.47
C PHE B 276 -15.86 -13.76 -30.65
N THR B 277 -14.79 -14.25 -31.29
CA THR B 277 -14.98 -15.03 -32.51
C THR B 277 -15.57 -16.40 -32.20
N HIS B 278 -15.08 -17.06 -31.16
CA HIS B 278 -15.45 -18.44 -30.81
C HIS B 278 -16.29 -18.40 -29.54
N GLN B 279 -17.61 -18.33 -29.72
CA GLN B 279 -18.57 -18.52 -28.65
C GLN B 279 -19.59 -19.54 -29.09
N GLY B 280 -19.87 -20.52 -28.24
CA GLY B 280 -20.83 -21.57 -28.53
C GLY B 280 -20.41 -22.96 -28.07
N SER B 281 -19.12 -23.29 -28.08
CA SER B 281 -18.70 -24.56 -27.51
C SER B 281 -18.76 -24.51 -25.99
N ASP B 282 -17.85 -23.74 -25.40
CA ASP B 282 -17.87 -23.37 -23.98
C ASP B 282 -16.67 -22.46 -23.71
N PHE B 283 -16.50 -22.01 -22.47
CA PHE B 283 -15.29 -21.32 -22.06
C PHE B 283 -15.18 -21.38 -20.54
N GLY B 284 -14.00 -20.98 -20.03
CA GLY B 284 -13.70 -21.06 -18.63
C GLY B 284 -13.66 -19.71 -17.94
N PRO B 285 -13.96 -19.63 -16.63
CA PRO B 285 -13.85 -18.33 -15.96
C PRO B 285 -12.41 -17.92 -15.70
N ILE B 286 -11.57 -18.85 -15.26
CA ILE B 286 -10.16 -18.55 -15.07
C ILE B 286 -9.47 -18.33 -16.41
N PHE B 287 -10.03 -18.87 -17.50
CA PHE B 287 -9.44 -18.67 -18.82
C PHE B 287 -9.38 -17.20 -19.22
N MET B 288 -10.34 -16.40 -18.74
CA MET B 288 -10.49 -14.99 -19.11
C MET B 288 -10.11 -14.03 -18.00
N THR B 289 -10.50 -14.33 -16.76
CA THR B 289 -10.47 -13.34 -15.71
C THR B 289 -9.05 -12.98 -15.30
N ILE B 290 -8.18 -13.98 -15.16
CA ILE B 290 -6.82 -13.80 -14.68
C ILE B 290 -6.01 -12.91 -15.62
N PRO B 291 -5.87 -13.24 -16.91
CA PRO B 291 -5.02 -12.40 -17.77
C PRO B 291 -5.53 -10.98 -17.96
N ALA B 292 -6.84 -10.76 -17.84
CA ALA B 292 -7.37 -9.42 -17.98
C ALA B 292 -6.96 -8.55 -16.80
N PHE B 293 -7.09 -9.08 -15.58
CA PHE B 293 -6.73 -8.33 -14.38
C PHE B 293 -5.24 -8.36 -14.10
N PHE B 294 -4.44 -9.13 -14.85
CA PHE B 294 -3.00 -8.89 -14.82
C PHE B 294 -2.65 -7.48 -15.25
N ALA B 295 -3.43 -6.89 -16.17
CA ALA B 295 -3.06 -5.66 -16.85
C ALA B 295 -3.53 -4.40 -16.13
N LYS B 296 -4.09 -4.51 -14.92
CA LYS B 296 -4.57 -3.34 -14.19
C LYS B 296 -3.46 -2.58 -13.46
N THR B 297 -2.19 -2.97 -13.64
CA THR B 297 -1.06 -2.36 -12.97
C THR B 297 -0.28 -1.42 -13.88
N SER B 298 -0.87 -1.01 -15.01
CA SER B 298 -0.12 -0.40 -16.10
C SER B 298 0.53 0.93 -15.74
N ALA B 299 -0.28 1.95 -15.45
CA ALA B 299 0.26 3.29 -15.24
C ALA B 299 1.07 3.42 -13.96
N VAL B 300 0.86 2.51 -13.00
CA VAL B 300 1.53 2.65 -11.71
C VAL B 300 3.03 2.42 -11.81
N TYR B 301 3.48 1.59 -12.77
CA TYR B 301 4.91 1.36 -12.98
C TYR B 301 5.52 2.27 -14.05
N ASN B 302 4.82 3.32 -14.45
CA ASN B 302 5.38 4.30 -15.38
C ASN B 302 6.34 5.28 -14.69
N PRO B 303 6.04 5.79 -13.47
CA PRO B 303 7.02 6.68 -12.84
C PRO B 303 8.31 5.97 -12.40
N VAL B 304 8.26 4.68 -12.05
CA VAL B 304 9.44 4.08 -11.43
C VAL B 304 10.51 3.80 -12.50
N ILE B 305 10.09 3.47 -13.73
CA ILE B 305 11.08 3.33 -14.80
C ILE B 305 11.69 4.69 -15.13
N TYR B 306 10.93 5.76 -14.95
CA TYR B 306 11.49 7.11 -15.10
C TYR B 306 12.46 7.43 -13.97
N ILE B 307 12.26 6.83 -12.79
CA ILE B 307 13.27 6.90 -11.73
C ILE B 307 14.47 6.01 -12.03
N MET B 308 14.31 4.96 -12.83
CA MET B 308 15.34 3.93 -12.95
C MET B 308 16.64 4.49 -13.53
N MET B 309 16.59 5.05 -14.74
CA MET B 309 17.79 5.41 -15.49
C MET B 309 17.99 6.91 -15.66
N ASN B 310 16.92 7.71 -15.64
CA ASN B 310 17.08 9.15 -15.83
C ASN B 310 17.87 9.74 -14.66
N LYS B 311 19.03 10.30 -14.98
CA LYS B 311 20.01 10.67 -13.96
C LYS B 311 19.65 12.00 -13.31
N GLN B 312 19.59 13.05 -14.11
CA GLN B 312 19.37 14.39 -13.55
C GLN B 312 17.93 14.58 -13.10
N PHE B 313 16.97 13.87 -13.71
CA PHE B 313 15.62 13.91 -13.16
C PHE B 313 15.60 13.35 -11.75
N ARG B 314 16.30 12.24 -11.53
CA ARG B 314 16.49 11.72 -10.20
C ARG B 314 17.22 12.72 -9.30
N ASN B 315 18.12 13.53 -9.87
CA ASN B 315 18.75 14.57 -9.07
C ASN B 315 17.72 15.61 -8.63
N CYS B 316 16.82 16.00 -9.53
CA CYS B 316 15.74 16.91 -9.16
C CYS B 316 14.88 16.30 -8.06
N MET B 317 14.57 15.00 -8.17
CA MET B 317 13.78 14.31 -7.15
C MET B 317 14.46 14.38 -5.79
N VAL B 318 15.72 13.93 -5.72
CA VAL B 318 16.40 13.88 -4.42
C VAL B 318 16.69 15.27 -3.88
N THR B 319 16.80 16.29 -4.74
CA THR B 319 16.97 17.65 -4.23
C THR B 319 15.68 18.18 -3.61
N THR B 320 14.58 18.14 -4.37
CA THR B 320 13.31 18.67 -3.88
C THR B 320 12.56 17.70 -2.97
N LEU B 321 13.17 16.57 -2.59
CA LEU B 321 12.54 15.66 -1.64
C LEU B 321 12.30 16.36 -0.30
N CYS B 322 13.37 16.79 0.35
CA CYS B 322 13.27 17.60 1.57
C CYS B 322 13.03 19.08 1.29
N CYS B 323 12.88 19.47 0.02
CA CYS B 323 12.75 20.86 -0.40
C CYS B 323 13.97 21.71 -0.01
N GLY B 324 15.13 21.09 0.17
CA GLY B 324 16.38 21.79 0.36
C GLY B 324 17.33 21.57 -0.80
N LYS B 325 18.28 20.67 -0.58
CA LYS B 325 19.41 20.45 -1.49
C LYS B 325 19.95 19.04 -1.28
#